data_3SS6
#
_entry.id   3SS6
#
_cell.length_a   94.720
_cell.length_b   94.720
_cell.length_c   189.260
_cell.angle_alpha   90.00
_cell.angle_beta   90.00
_cell.angle_gamma   120.00
#
_symmetry.space_group_name_H-M   'P 31 2 1'
#
loop_
_entity.id
_entity.type
_entity.pdbx_description
1 polymer 'Acetyl-CoA acetyltransferase'
2 non-polymer 'SULFATE ION'
3 non-polymer 'POTASSIUM ION'
4 water water
#
_entity_poly.entity_id   1
_entity_poly.type   'polypeptide(L)'
_entity_poly.pdbx_seq_one_letter_code
;SNAMHNVVITAAVRSPIGTFGGALKNVTPVELAVPVLQEAVKRGGVEPHEVDEVILGHCIQRTDEANTARTAALAAGFPD
TVTGYTIQRQ(CSO)SSGMQAIMSAAMQIQLGVSEVVVAGGVEAMSSSPYALKQHRWGQRLQHGEIRDTVWEVLEDPIHH
IMMGETAENLVEQYEITREEQDEVALRSHTLALKAIESGYFDDQIVPITIKERRKEVVFSKDEHPRADITAEKLAGLKPA
FRKDGSVTAGNASGLNDGSAVLVLMSEEKAKEKGLQPLARIVGYSVAGVDPKIMGIGPAPAIRKGLEKVDWSLEDADLLE
INEAFAAQYLAVEKELDLDREKVNVNGSGVGLGHPIGCTGARITVSLIHELKRRGLEKGIASLCVGGGIGVALFIEAL
;
_entity_poly.pdbx_strand_id   A,B
#
# COMPACT_ATOMS: atom_id res chain seq x y z
N SER A 1 12.63 18.96 -23.17
CA SER A 1 13.82 18.75 -22.36
C SER A 1 13.47 18.38 -20.92
N ASN A 2 12.25 17.90 -20.73
CA ASN A 2 11.89 17.29 -19.46
C ASN A 2 12.85 16.13 -19.22
N ALA A 3 13.38 16.03 -18.00
CA ALA A 3 14.41 15.03 -17.72
C ALA A 3 13.86 13.86 -16.92
N MET A 4 14.41 12.68 -17.16
CA MET A 4 14.11 11.50 -16.36
C MET A 4 15.43 10.99 -15.77
N HIS A 5 15.57 11.14 -14.46
CA HIS A 5 16.84 10.85 -13.81
C HIS A 5 17.15 9.37 -13.75
N ASN A 6 18.41 9.00 -13.93
CA ASN A 6 18.81 7.62 -13.70
C ASN A 6 18.72 7.33 -12.22
N VAL A 7 18.33 6.11 -11.87
CA VAL A 7 18.18 5.70 -10.48
C VAL A 7 19.33 4.77 -10.06
N VAL A 8 20.05 5.14 -9.01
CA VAL A 8 21.12 4.30 -8.50
C VAL A 8 20.83 3.90 -7.06
N ILE A 9 21.52 2.84 -6.63
CA ILE A 9 21.29 2.24 -5.33
C ILE A 9 22.59 2.35 -4.55
N THR A 10 22.56 2.99 -3.39
CA THR A 10 23.81 3.22 -2.65
C THR A 10 24.02 2.34 -1.41
N ALA A 11 22.97 1.63 -1.00
CA ALA A 11 23.06 0.67 0.10
C ALA A 11 21.98 -0.36 -0.09
N ALA A 12 22.24 -1.57 0.39
CA ALA A 12 21.28 -2.66 0.26
C ALA A 12 21.52 -3.63 1.41
N VAL A 13 20.62 -3.65 2.37
CA VAL A 13 20.81 -4.44 3.58
C VAL A 13 19.53 -5.17 3.98
N ARG A 14 19.66 -6.17 4.84
CA ARG A 14 18.47 -6.91 5.26
C ARG A 14 18.68 -7.49 6.65
N SER A 15 17.58 -7.79 7.34
CA SER A 15 17.70 -8.58 8.56
C SER A 15 18.04 -10.01 8.15
N PRO A 16 18.51 -10.83 9.10
CA PRO A 16 18.48 -12.26 8.80
C PRO A 16 17.00 -12.66 8.72
N ILE A 17 16.72 -13.80 8.11
CA ILE A 17 15.33 -14.26 7.96
C ILE A 17 15.02 -15.26 9.07
N GLY A 18 14.02 -14.93 9.88
CA GLY A 18 13.57 -15.80 10.96
C GLY A 18 12.58 -16.86 10.50
N THR A 19 12.55 -17.98 11.23
CA THR A 19 11.55 -19.00 10.97
C THR A 19 10.28 -18.71 11.77
N PHE A 20 9.17 -19.29 11.35
CA PHE A 20 7.89 -19.05 12.02
C PHE A 20 7.96 -19.47 13.48
N GLY A 21 7.65 -18.54 14.36
CA GLY A 21 7.73 -18.81 15.79
C GLY A 21 9.17 -18.86 16.29
N GLY A 22 10.10 -18.40 15.45
CA GLY A 22 11.52 -18.44 15.77
C GLY A 22 12.05 -17.18 16.45
N ALA A 23 13.24 -16.74 16.04
CA ALA A 23 13.93 -15.65 16.73
C ALA A 23 13.14 -14.36 16.75
N LEU A 24 12.34 -14.13 15.71
CA LEU A 24 11.57 -12.88 15.58
C LEU A 24 10.10 -13.04 15.95
N LYS A 25 9.80 -14.11 16.69
CA LYS A 25 8.44 -14.41 17.16
C LYS A 25 7.69 -13.20 17.70
N ASN A 26 8.39 -12.44 18.55
CA ASN A 26 7.78 -11.35 19.30
C ASN A 26 8.17 -9.99 18.79
N VAL A 27 8.41 -9.89 17.48
CA VAL A 27 8.78 -8.62 16.90
C VAL A 27 7.70 -8.18 15.92
N THR A 28 7.28 -6.91 15.99
CA THR A 28 6.29 -6.40 15.05
C THR A 28 6.95 -5.93 13.75
N PRO A 29 6.14 -5.69 12.70
CA PRO A 29 6.78 -5.25 11.46
C PRO A 29 7.54 -3.94 11.60
N VAL A 30 7.00 -2.97 12.33
CA VAL A 30 7.72 -1.73 12.54
C VAL A 30 9.03 -1.98 13.28
N GLU A 31 8.98 -2.81 14.32
CA GLU A 31 10.19 -3.10 15.09
C GLU A 31 11.27 -3.75 14.24
N LEU A 32 10.83 -4.56 13.28
CA LEU A 32 11.75 -5.34 12.45
C LEU A 32 12.35 -4.45 11.36
N ALA A 33 11.58 -3.46 10.92
CA ALA A 33 12.05 -2.53 9.89
C ALA A 33 13.04 -1.52 10.44
N VAL A 34 12.80 -1.05 11.67
CA VAL A 34 13.57 0.05 12.23
C VAL A 34 15.10 -0.09 12.14
N PRO A 35 15.69 -1.18 12.66
CA PRO A 35 17.16 -1.24 12.67
C PRO A 35 17.75 -1.34 11.26
N VAL A 36 16.98 -1.91 10.34
CA VAL A 36 17.41 -2.05 8.95
C VAL A 36 17.34 -0.71 8.22
N LEU A 37 16.27 0.06 8.47
CA LEU A 37 16.19 1.42 7.98
C LEU A 37 17.38 2.23 8.48
N GLN A 38 17.67 2.12 9.76
CA GLN A 38 18.77 2.88 10.36
C GLN A 38 20.13 2.56 9.73
N GLU A 39 20.42 1.28 9.57
CA GLU A 39 21.70 0.87 9.02
C GLU A 39 21.79 1.24 7.54
N ALA A 40 20.68 1.10 6.81
CA ALA A 40 20.68 1.46 5.40
C ALA A 40 21.09 2.91 5.20
N VAL A 41 20.47 3.80 5.98
CA VAL A 41 20.75 5.22 5.84
C VAL A 41 22.21 5.49 6.20
N LYS A 42 22.70 4.83 7.25
CA LYS A 42 24.10 4.99 7.68
C LYS A 42 25.07 4.63 6.58
N ARG A 43 24.74 3.60 5.80
CA ARG A 43 25.60 3.17 4.71
C ARG A 43 25.38 3.90 3.41
N GLY A 44 24.22 4.54 3.28
CA GLY A 44 23.75 5.03 2.00
C GLY A 44 24.25 6.39 1.57
N GLY A 45 25.06 7.03 2.41
CA GLY A 45 25.69 8.28 2.03
C GLY A 45 24.83 9.51 2.26
N VAL A 46 23.78 9.36 3.05
CA VAL A 46 22.87 10.46 3.36
C VAL A 46 22.56 10.51 4.84
N GLU A 47 22.25 11.71 5.34
CA GLU A 47 21.69 11.82 6.68
C GLU A 47 20.19 11.63 6.60
N PRO A 48 19.57 11.19 7.71
CA PRO A 48 18.12 10.98 7.71
C PRO A 48 17.33 12.16 7.17
N HIS A 49 17.72 13.40 7.48
CA HIS A 49 16.94 14.54 7.03
C HIS A 49 16.95 14.69 5.51
N GLU A 50 17.90 14.04 4.85
CA GLU A 50 18.00 14.11 3.39
C GLU A 50 17.09 13.10 2.71
N VAL A 51 16.52 12.19 3.48
CA VAL A 51 15.61 11.19 2.92
C VAL A 51 14.25 11.81 2.65
N ASP A 52 13.80 11.73 1.40
CA ASP A 52 12.53 12.34 1.02
C ASP A 52 11.30 11.47 1.33
N GLU A 53 11.48 10.16 1.32
CA GLU A 53 10.36 9.24 1.47
C GLU A 53 10.88 7.87 1.90
N VAL A 54 10.12 7.17 2.72
CA VAL A 54 10.35 5.75 3.00
C VAL A 54 9.17 5.00 2.39
N ILE A 55 9.44 4.02 1.55
CA ILE A 55 8.34 3.24 0.94
C ILE A 55 8.56 1.78 1.26
N LEU A 56 7.60 1.15 1.94
CA LEU A 56 7.72 -0.26 2.32
C LEU A 56 6.61 -1.12 1.74
N GLY A 57 6.98 -2.31 1.28
CA GLY A 57 6.01 -3.29 0.83
C GLY A 57 5.66 -4.09 2.07
N HIS A 58 4.38 -4.31 2.33
CA HIS A 58 3.95 -5.06 3.51
C HIS A 58 2.63 -5.79 3.26
N CYS A 59 2.66 -7.12 3.25
CA CYS A 59 1.44 -7.91 3.01
C CYS A 59 0.35 -7.95 4.09
N ILE A 60 0.75 -8.09 5.34
CA ILE A 60 -0.23 -8.17 6.41
C ILE A 60 -0.06 -6.95 7.30
N GLN A 61 -0.61 -5.85 6.81
CA GLN A 61 -0.55 -4.57 7.50
C GLN A 61 -1.39 -4.62 8.78
N ARG A 62 -1.01 -3.79 9.73
CA ARG A 62 -1.68 -3.80 11.02
C ARG A 62 -2.23 -2.42 11.34
N THR A 63 -3.48 -2.39 11.80
CA THR A 63 -4.08 -1.11 12.15
C THR A 63 -3.47 -0.47 13.40
N ASP A 64 -2.75 -1.26 14.20
CA ASP A 64 -2.06 -0.72 15.37
C ASP A 64 -0.70 -0.11 15.03
N GLU A 65 -0.32 -0.24 13.77
CA GLU A 65 0.91 0.33 13.22
C GLU A 65 0.49 0.81 11.83
N ALA A 66 -0.46 1.72 11.79
CA ALA A 66 -1.00 2.25 10.53
C ALA A 66 0.05 2.96 9.69
N ASN A 67 0.13 2.56 8.44
CA ASN A 67 1.11 3.10 7.52
C ASN A 67 2.47 2.65 8.07
N THR A 68 2.80 1.41 7.81
CA THR A 68 4.02 0.87 8.34
C THR A 68 5.25 1.68 8.04
N ALA A 69 5.31 2.21 6.84
CA ALA A 69 6.47 2.99 6.39
C ALA A 69 6.68 4.27 7.20
N ARG A 70 5.62 5.06 7.35
CA ARG A 70 5.72 6.31 8.10
C ARG A 70 5.99 6.00 9.56
N THR A 71 5.31 4.99 10.08
CA THR A 71 5.48 4.64 11.48
C THR A 71 6.92 4.18 11.73
N ALA A 72 7.47 3.37 10.84
CA ALA A 72 8.85 2.90 11.04
C ALA A 72 9.85 4.04 10.89
N ALA A 73 9.58 4.97 9.97
CA ALA A 73 10.46 6.12 9.81
C ALA A 73 10.55 6.90 11.13
N LEU A 74 9.39 7.17 11.72
CA LEU A 74 9.36 7.91 12.98
C LEU A 74 9.97 7.10 14.11
N ALA A 75 9.67 5.80 14.17
CA ALA A 75 10.21 4.96 15.23
C ALA A 75 11.73 4.82 15.13
N ALA A 76 12.26 4.95 13.91
CA ALA A 76 13.70 4.91 13.68
C ALA A 76 14.39 6.21 14.08
N GLY A 77 13.61 7.20 14.47
CA GLY A 77 14.13 8.48 14.89
C GLY A 77 14.37 9.47 13.75
N PHE A 78 13.85 9.16 12.56
CA PHE A 78 14.04 10.06 11.43
C PHE A 78 13.20 11.31 11.66
N PRO A 79 13.63 12.46 11.09
CA PRO A 79 12.87 13.71 11.26
C PRO A 79 11.43 13.60 10.77
N ASP A 80 10.57 14.45 11.32
CA ASP A 80 9.16 14.45 10.95
C ASP A 80 8.94 14.73 9.48
N THR A 81 9.93 15.34 8.84
CA THR A 81 9.83 15.65 7.41
C THR A 81 9.93 14.43 6.53
N VAL A 82 10.43 13.34 7.09
CA VAL A 82 10.61 12.10 6.31
C VAL A 82 9.29 11.35 6.27
N THR A 83 8.57 11.52 5.17
CA THR A 83 7.25 10.90 5.03
C THR A 83 7.39 9.45 4.57
N GLY A 84 6.27 8.75 4.45
CA GLY A 84 6.35 7.37 3.98
C GLY A 84 4.99 6.88 3.58
N TYR A 85 4.97 5.81 2.80
CA TYR A 85 3.74 5.10 2.48
C TYR A 85 4.01 3.64 2.23
N THR A 86 2.94 2.85 2.31
CA THR A 86 3.09 1.42 2.38
C THR A 86 2.34 0.77 1.22
N ILE A 87 2.94 -0.27 0.65
CA ILE A 87 2.43 -0.87 -0.58
C ILE A 87 2.06 -2.34 -0.40
N GLN A 88 0.93 -2.71 -0.99
CA GLN A 88 0.49 -4.10 -0.98
C GLN A 88 0.30 -4.58 -2.42
N ARG A 89 1.19 -5.46 -2.87
CA ARG A 89 1.10 -6.10 -4.18
C ARG A 89 1.48 -7.54 -3.91
N GLN A 90 0.95 -8.06 -2.81
CA GLN A 90 1.18 -9.44 -2.37
C GLN A 90 2.67 -9.78 -2.32
N SER A 92 5.10 -9.55 -4.24
CA SER A 92 6.04 -8.62 -4.88
C SER A 92 6.04 -7.27 -4.19
N SER A 93 5.32 -7.15 -3.08
CA SER A 93 5.22 -5.84 -2.40
C SER A 93 6.56 -5.14 -2.22
N GLY A 94 7.55 -5.87 -1.74
CA GLY A 94 8.87 -5.28 -1.47
C GLY A 94 9.59 -4.85 -2.74
N MET A 95 9.32 -5.52 -3.85
CA MET A 95 9.89 -5.13 -5.13
C MET A 95 9.14 -3.91 -5.67
N GLN A 96 7.82 -3.90 -5.54
CA GLN A 96 7.06 -2.73 -5.98
C GLN A 96 7.50 -1.48 -5.23
N ALA A 97 7.84 -1.62 -3.95
CA ALA A 97 8.31 -0.48 -3.18
C ALA A 97 9.55 0.12 -3.82
N ILE A 98 10.46 -0.74 -4.26
CA ILE A 98 11.67 -0.26 -4.93
C ILE A 98 11.31 0.40 -6.26
N MET A 99 10.38 -0.19 -6.99
CA MET A 99 9.95 0.39 -8.28
C MET A 99 9.29 1.76 -8.10
N SER A 100 8.46 1.88 -7.07
CA SER A 100 7.78 3.13 -6.78
C SER A 100 8.80 4.19 -6.36
N ALA A 101 9.81 3.79 -5.61
CA ALA A 101 10.90 4.71 -5.26
C ALA A 101 11.60 5.18 -6.53
N ALA A 102 11.88 4.23 -7.43
CA ALA A 102 12.54 4.59 -8.68
C ALA A 102 11.70 5.58 -9.48
N MET A 103 10.39 5.37 -9.50
CA MET A 103 9.51 6.30 -10.22
C MET A 103 9.62 7.70 -9.66
N GLN A 104 9.56 7.83 -8.33
CA GLN A 104 9.67 9.15 -7.71
C GLN A 104 11.00 9.81 -8.07
N ILE A 105 12.08 9.03 -8.07
CA ILE A 105 13.40 9.58 -8.37
C ILE A 105 13.51 9.95 -9.85
N GLN A 106 13.03 9.07 -10.73
CA GLN A 106 13.10 9.38 -12.16
C GLN A 106 12.39 10.70 -12.46
N LEU A 107 11.26 10.93 -11.81
CA LEU A 107 10.45 12.12 -12.05
C LEU A 107 10.92 13.37 -11.32
N GLY A 108 11.85 13.20 -10.38
CA GLY A 108 12.28 14.31 -9.56
C GLY A 108 11.30 14.66 -8.44
N VAL A 109 10.34 13.76 -8.19
CA VAL A 109 9.45 13.88 -7.03
C VAL A 109 10.27 13.78 -5.74
N SER A 110 11.24 12.87 -5.72
CA SER A 110 12.16 12.71 -4.61
C SER A 110 13.59 12.66 -5.13
N GLU A 111 14.55 13.05 -4.29
CA GLU A 111 15.96 12.90 -4.65
C GLU A 111 16.57 11.67 -4.01
N VAL A 112 16.11 11.35 -2.80
CA VAL A 112 16.58 10.20 -2.04
C VAL A 112 15.37 9.45 -1.48
N VAL A 113 15.27 8.15 -1.74
CA VAL A 113 14.19 7.34 -1.17
C VAL A 113 14.76 6.09 -0.54
N VAL A 114 14.24 5.72 0.64
CA VAL A 114 14.59 4.47 1.28
C VAL A 114 13.42 3.52 1.05
N ALA A 115 13.68 2.37 0.45
CA ALA A 115 12.58 1.52 0.02
C ALA A 115 12.90 0.07 0.19
N GLY A 116 11.88 -0.72 0.49
CA GLY A 116 12.08 -2.15 0.63
C GLY A 116 10.80 -2.77 1.13
N GLY A 117 10.94 -3.75 2.01
CA GLY A 117 9.77 -4.49 2.47
C GLY A 117 10.01 -5.17 3.80
N VAL A 118 8.92 -5.57 4.43
CA VAL A 118 8.97 -6.22 5.73
C VAL A 118 7.79 -7.17 5.86
N GLU A 119 8.01 -8.26 6.60
CA GLU A 119 6.89 -9.10 7.02
C GLU A 119 7.27 -9.72 8.34
N ALA A 120 6.35 -9.62 9.29
CA ALA A 120 6.49 -10.26 10.59
C ALA A 120 5.33 -11.25 10.68
N MET A 121 5.52 -12.43 10.10
CA MET A 121 4.43 -13.38 10.01
C MET A 121 4.14 -13.97 11.39
N SER A 122 5.19 -14.24 12.17
CA SER A 122 5.05 -14.87 13.48
C SER A 122 4.16 -14.07 14.43
N SER A 123 4.21 -12.74 14.34
CA SER A 123 3.46 -11.88 15.27
C SER A 123 2.12 -11.41 14.69
N SER A 124 1.76 -11.92 13.53
CA SER A 124 0.52 -11.50 12.88
C SER A 124 -0.69 -11.95 13.70
N PRO A 125 -1.74 -11.11 13.73
CA PRO A 125 -2.90 -11.36 14.59
C PRO A 125 -3.91 -12.36 14.03
N TYR A 126 -4.89 -12.68 14.87
CA TYR A 126 -6.10 -13.38 14.44
C TYR A 126 -7.24 -12.37 14.33
N ALA A 127 -8.23 -12.67 13.51
CA ALA A 127 -9.33 -11.75 13.24
C ALA A 127 -10.67 -12.42 13.50
N LEU A 128 -11.64 -11.63 13.94
CA LEU A 128 -13.03 -12.09 14.06
C LEU A 128 -13.90 -11.22 13.16
N LYS A 129 -14.60 -11.85 12.22
CA LYS A 129 -15.39 -11.12 11.24
C LYS A 129 -16.81 -10.80 11.69
N GLN A 130 -17.32 -11.51 12.70
CA GLN A 130 -18.70 -11.33 13.12
C GLN A 130 -18.81 -10.71 14.50
N HIS A 131 -17.68 -10.29 15.05
CA HIS A 131 -17.68 -9.72 16.39
C HIS A 131 -18.38 -8.37 16.46
N ARG A 132 -18.28 -7.57 15.39
CA ARG A 132 -18.85 -6.23 15.44
C ARG A 132 -20.37 -6.21 15.54
N TRP A 133 -21.04 -6.99 14.68
CA TRP A 133 -22.50 -6.98 14.63
C TRP A 133 -23.13 -8.27 15.17
N GLY A 134 -22.29 -9.24 15.50
CA GLY A 134 -22.72 -10.41 16.22
C GLY A 134 -22.78 -11.70 15.40
N GLN A 135 -22.45 -12.80 16.06
CA GLN A 135 -22.56 -14.12 15.43
CA GLN A 135 -22.53 -14.14 15.47
C GLN A 135 -23.95 -14.71 15.58
N ARG A 136 -24.69 -14.22 16.58
CA ARG A 136 -26.07 -14.65 16.90
CA ARG A 136 -26.06 -14.64 16.91
C ARG A 136 -26.22 -16.08 17.43
N LEU A 137 -25.83 -17.06 16.64
CA LEU A 137 -26.04 -18.45 17.03
C LEU A 137 -25.09 -19.33 16.24
N GLN A 138 -24.66 -20.41 16.87
CA GLN A 138 -23.76 -21.42 16.30
C GLN A 138 -22.29 -21.00 16.34
N HIS A 139 -21.41 -21.96 16.08
CA HIS A 139 -19.98 -21.67 16.20
C HIS A 139 -19.49 -20.79 15.09
N GLY A 140 -18.47 -20.00 15.39
CA GLY A 140 -17.88 -19.12 14.38
C GLY A 140 -16.43 -19.50 14.14
N GLU A 141 -15.78 -18.72 13.28
CA GLU A 141 -14.39 -18.96 12.96
C GLU A 141 -13.51 -17.83 13.41
N ILE A 142 -12.41 -18.16 14.09
CA ILE A 142 -11.43 -17.13 14.40
C ILE A 142 -10.31 -17.31 13.37
N ARG A 143 -10.08 -16.28 12.58
CA ARG A 143 -9.29 -16.42 11.36
C ARG A 143 -7.83 -16.04 11.53
N ASP A 144 -6.95 -16.93 11.10
CA ASP A 144 -5.52 -16.67 11.12
C ASP A 144 -5.19 -15.78 9.92
N THR A 145 -4.72 -14.56 10.17
CA THR A 145 -4.42 -13.64 9.07
C THR A 145 -3.33 -14.17 8.13
N VAL A 146 -2.40 -14.95 8.66
CA VAL A 146 -1.36 -15.55 7.82
C VAL A 146 -2.02 -16.57 6.88
N TRP A 147 -2.89 -17.41 7.43
CA TRP A 147 -3.52 -18.44 6.62
C TRP A 147 -4.46 -17.84 5.57
N GLU A 148 -5.07 -16.70 5.89
CA GLU A 148 -5.94 -16.00 4.94
C GLU A 148 -5.15 -15.45 3.76
N VAL A 149 -4.01 -14.86 4.06
CA VAL A 149 -3.24 -14.20 3.01
C VAL A 149 -2.64 -15.23 2.03
N LEU A 150 -2.59 -16.50 2.47
CA LEU A 150 -2.13 -17.60 1.60
C LEU A 150 -3.25 -18.21 0.78
N GLU A 151 -4.46 -17.70 0.93
CA GLU A 151 -5.61 -18.22 0.20
C GLU A 151 -6.03 -17.23 -0.87
N ASP A 152 -6.21 -17.68 -2.11
CA ASP A 152 -6.65 -16.75 -3.14
C ASP A 152 -8.03 -16.17 -2.80
N PRO A 153 -8.18 -14.84 -2.92
CA PRO A 153 -9.42 -14.23 -2.41
C PRO A 153 -10.62 -14.38 -3.35
N ILE A 154 -10.36 -14.76 -4.60
CA ILE A 154 -11.44 -14.99 -5.55
C ILE A 154 -11.84 -16.46 -5.59
N HIS A 155 -10.85 -17.32 -5.79
CA HIS A 155 -11.08 -18.77 -5.91
C HIS A 155 -11.04 -19.62 -4.64
N HIS A 156 -10.54 -19.04 -3.56
CA HIS A 156 -10.48 -19.71 -2.27
C HIS A 156 -9.74 -21.03 -2.30
N ILE A 157 -8.57 -21.00 -2.93
CA ILE A 157 -7.63 -22.13 -2.89
C ILE A 157 -6.30 -21.62 -2.38
N MET A 158 -5.55 -22.48 -1.70
CA MET A 158 -4.28 -22.06 -1.14
C MET A 158 -3.20 -21.91 -2.23
N MET A 159 -2.20 -21.09 -1.97
CA MET A 159 -1.11 -20.93 -2.92
C MET A 159 -0.50 -22.29 -3.30
N GLY A 160 -0.46 -23.21 -2.33
CA GLY A 160 0.07 -24.54 -2.58
C GLY A 160 -0.72 -25.32 -3.61
N GLU A 161 -2.03 -25.10 -3.65
CA GLU A 161 -2.86 -25.71 -4.67
C GLU A 161 -2.54 -25.12 -6.06
N THR A 162 -2.29 -23.81 -6.13
CA THR A 162 -1.92 -23.21 -7.42
C THR A 162 -0.59 -23.79 -7.90
N ALA A 163 0.26 -24.18 -6.95
CA ALA A 163 1.51 -24.84 -7.28
C ALA A 163 1.24 -26.21 -7.90
N GLU A 164 0.31 -26.95 -7.31
CA GLU A 164 -0.04 -28.26 -7.85
C GLU A 164 -0.61 -28.12 -9.25
N ASN A 165 -1.29 -27.01 -9.51
CA ASN A 165 -1.81 -26.77 -10.86
C ASN A 165 -0.66 -26.69 -11.85
N LEU A 166 0.43 -26.06 -11.44
CA LEU A 166 1.60 -25.93 -12.29
C LEU A 166 2.32 -27.28 -12.44
N VAL A 167 2.32 -28.07 -11.38
CA VAL A 167 2.88 -29.43 -11.43
C VAL A 167 2.23 -30.21 -12.55
N GLU A 168 0.90 -30.22 -12.54
CA GLU A 168 0.14 -30.92 -13.56
CA GLU A 168 0.15 -30.92 -13.57
C GLU A 168 0.33 -30.34 -14.97
N GLN A 169 0.33 -29.02 -15.06
CA GLN A 169 0.48 -28.35 -16.35
C GLN A 169 1.84 -28.59 -16.99
N TYR A 170 2.90 -28.47 -16.19
CA TYR A 170 4.26 -28.59 -16.71
C TYR A 170 4.88 -29.99 -16.52
N GLU A 171 4.07 -30.94 -16.06
CA GLU A 171 4.50 -32.31 -15.82
C GLU A 171 5.78 -32.39 -14.99
N ILE A 172 5.77 -31.66 -13.88
CA ILE A 172 6.90 -31.58 -12.95
C ILE A 172 6.88 -32.74 -11.96
N THR A 173 8.01 -33.42 -11.79
CA THR A 173 8.05 -34.58 -10.93
C THR A 173 8.38 -34.24 -9.47
N ARG A 174 8.05 -35.16 -8.58
CA ARG A 174 8.43 -35.05 -7.17
C ARG A 174 9.95 -34.94 -7.04
N GLU A 175 10.67 -35.77 -7.78
CA GLU A 175 12.13 -35.71 -7.76
C GLU A 175 12.68 -34.34 -8.15
N GLU A 176 12.17 -33.78 -9.25
CA GLU A 176 12.61 -32.44 -9.66
C GLU A 176 12.41 -31.42 -8.55
N GLN A 177 11.24 -31.45 -7.92
CA GLN A 177 10.95 -30.51 -6.84
C GLN A 177 11.90 -30.70 -5.67
N ASP A 178 12.13 -31.96 -5.29
CA ASP A 178 12.97 -32.25 -4.14
C ASP A 178 14.44 -31.97 -4.43
N GLU A 179 14.85 -32.05 -5.70
CA GLU A 179 16.22 -31.70 -6.06
CA GLU A 179 16.23 -31.72 -6.02
C GLU A 179 16.45 -30.21 -5.90
N VAL A 180 15.47 -29.43 -6.33
CA VAL A 180 15.51 -27.98 -6.18
C VAL A 180 15.49 -27.60 -4.70
N ALA A 181 14.68 -28.31 -3.92
CA ALA A 181 14.58 -28.02 -2.49
C ALA A 181 15.91 -28.30 -1.78
N LEU A 182 16.53 -29.43 -2.09
CA LEU A 182 17.81 -29.78 -1.48
C LEU A 182 18.87 -28.77 -1.88
N ARG A 183 18.84 -28.37 -3.15
CA ARG A 183 19.77 -27.38 -3.66
C ARG A 183 19.63 -26.07 -2.90
N SER A 184 18.39 -25.68 -2.64
CA SER A 184 18.11 -24.41 -1.98
C SER A 184 18.74 -24.36 -0.59
N HIS A 185 18.56 -25.42 0.18
CA HIS A 185 19.18 -25.48 1.50
C HIS A 185 20.69 -25.58 1.39
N THR A 186 21.17 -26.42 0.49
CA THR A 186 22.60 -26.69 0.38
C THR A 186 23.39 -25.43 0.01
N LEU A 187 22.91 -24.72 -1.00
CA LEU A 187 23.58 -23.49 -1.44
C LEU A 187 23.49 -22.38 -0.41
N ALA A 188 22.36 -22.29 0.29
CA ALA A 188 22.21 -21.31 1.38
C ALA A 188 23.21 -21.58 2.49
N LEU A 189 23.28 -22.84 2.93
CA LEU A 189 24.23 -23.23 3.99
C LEU A 189 25.66 -22.90 3.60
N LYS A 190 26.02 -23.20 2.36
CA LYS A 190 27.35 -22.92 1.85
C LYS A 190 27.64 -21.42 1.84
N ALA A 191 26.68 -20.63 1.36
CA ALA A 191 26.86 -19.18 1.32
C ALA A 191 27.05 -18.63 2.74
N ILE A 192 26.24 -19.14 3.66
CA ILE A 192 26.34 -18.69 5.05
C ILE A 192 27.73 -19.01 5.61
N GLU A 193 28.18 -20.25 5.44
CA GLU A 193 29.48 -20.68 5.94
C GLU A 193 30.63 -19.89 5.31
N SER A 194 30.48 -19.53 4.05
CA SER A 194 31.53 -18.83 3.30
C SER A 194 31.55 -17.33 3.60
N GLY A 195 30.54 -16.86 4.33
CA GLY A 195 30.47 -15.46 4.73
C GLY A 195 29.89 -14.54 3.67
N TYR A 196 29.27 -15.12 2.65
CA TYR A 196 28.74 -14.31 1.54
C TYR A 196 27.70 -13.26 2.00
N PHE A 197 26.98 -13.57 3.07
CA PHE A 197 25.89 -12.70 3.51
C PHE A 197 26.32 -11.77 4.66
N ASP A 198 27.56 -11.90 5.10
CA ASP A 198 28.03 -11.13 6.24
C ASP A 198 27.79 -9.63 6.09
N ASP A 199 28.15 -9.08 4.94
CA ASP A 199 28.07 -7.63 4.70
CA ASP A 199 28.06 -7.63 4.76
C ASP A 199 26.63 -7.12 4.64
N GLN A 200 25.75 -7.91 4.02
CA GLN A 200 24.40 -7.44 3.78
C GLN A 200 23.47 -7.56 4.98
N ILE A 201 23.82 -8.39 5.96
CA ILE A 201 22.92 -8.67 7.08
C ILE A 201 23.11 -7.68 8.22
N VAL A 202 21.99 -7.17 8.72
CA VAL A 202 21.94 -6.29 9.88
C VAL A 202 21.39 -7.09 11.04
N PRO A 203 22.18 -7.28 12.10
CA PRO A 203 21.67 -8.06 13.23
C PRO A 203 20.53 -7.35 13.94
N ILE A 204 19.56 -8.13 14.41
CA ILE A 204 18.41 -7.55 15.10
C ILE A 204 18.53 -7.91 16.57
N THR A 205 18.37 -6.91 17.45
CA THR A 205 18.38 -7.18 18.88
C THR A 205 16.95 -7.26 19.36
N ILE A 206 16.55 -8.42 19.86
CA ILE A 206 15.21 -8.60 20.37
C ILE A 206 15.23 -8.48 21.88
N LYS A 207 14.47 -7.52 22.40
CA LYS A 207 14.37 -7.37 23.85
C LYS A 207 13.29 -8.30 24.36
N GLU A 208 13.70 -9.44 24.89
CA GLU A 208 12.75 -10.41 25.43
C GLU A 208 12.51 -10.07 26.90
N ARG A 209 11.67 -10.82 27.57
CA ARG A 209 11.35 -10.45 28.94
C ARG A 209 12.50 -10.39 29.93
N ARG A 210 13.45 -11.31 29.84
CA ARG A 210 14.53 -11.34 30.82
C ARG A 210 15.92 -11.32 30.22
N LYS A 211 15.99 -11.03 28.94
CA LYS A 211 17.28 -11.00 28.25
C LYS A 211 17.10 -10.32 26.92
N GLU A 212 18.23 -10.06 26.25
CA GLU A 212 18.20 -9.56 24.89
C GLU A 212 18.85 -10.59 23.99
N VAL A 213 18.22 -10.85 22.86
CA VAL A 213 18.77 -11.82 21.91
C VAL A 213 19.29 -11.08 20.69
N VAL A 214 20.52 -11.39 20.28
CA VAL A 214 21.06 -10.79 19.06
C VAL A 214 20.99 -11.81 17.93
N PHE A 215 20.08 -11.54 16.99
CA PHE A 215 19.78 -12.44 15.89
C PHE A 215 20.55 -11.99 14.66
N SER A 216 21.49 -12.81 14.19
CA SER A 216 22.43 -12.36 13.17
C SER A 216 22.58 -13.32 11.99
N LYS A 217 21.95 -14.50 12.07
CA LYS A 217 22.08 -15.51 11.02
C LYS A 217 20.73 -16.09 10.59
N ASP A 218 20.57 -16.25 9.28
CA ASP A 218 19.36 -16.85 8.72
C ASP A 218 19.09 -18.21 9.37
N GLU A 219 17.87 -18.44 9.82
CA GLU A 219 17.66 -19.66 10.59
C GLU A 219 16.82 -20.72 9.88
N HIS A 220 16.36 -20.43 8.67
CA HIS A 220 15.56 -21.42 7.92
C HIS A 220 16.39 -22.55 7.31
N PRO A 221 17.60 -22.27 6.82
CA PRO A 221 18.34 -23.37 6.19
C PRO A 221 18.62 -24.50 7.18
N ARG A 222 18.49 -25.74 6.72
CA ARG A 222 18.59 -26.91 7.59
C ARG A 222 19.64 -27.90 7.09
N ALA A 223 20.63 -28.19 7.92
CA ALA A 223 21.62 -29.18 7.56
C ALA A 223 21.02 -30.59 7.50
N ASP A 224 19.90 -30.80 8.18
CA ASP A 224 19.27 -32.11 8.22
C ASP A 224 18.32 -32.38 7.05
N ILE A 225 18.17 -31.41 6.16
CA ILE A 225 17.44 -31.63 4.92
C ILE A 225 18.32 -32.47 3.99
N THR A 226 17.83 -33.66 3.68
CA THR A 226 18.53 -34.59 2.79
C THR A 226 17.55 -35.09 1.74
N ALA A 227 18.09 -35.69 0.68
CA ALA A 227 17.23 -36.28 -0.35
C ALA A 227 16.28 -37.26 0.32
N GLU A 228 16.82 -38.01 1.28
CA GLU A 228 16.05 -39.02 1.99
C GLU A 228 14.89 -38.40 2.74
N LYS A 229 15.17 -37.39 3.56
CA LYS A 229 14.14 -36.74 4.35
C LYS A 229 13.04 -36.13 3.47
N LEU A 230 13.44 -35.48 2.37
CA LEU A 230 12.47 -34.85 1.48
C LEU A 230 11.52 -35.88 0.85
N ALA A 231 12.05 -37.02 0.44
CA ALA A 231 11.26 -38.04 -0.23
C ALA A 231 10.22 -38.67 0.70
N GLY A 232 10.45 -38.55 2.01
CA GLY A 232 9.55 -39.16 2.97
C GLY A 232 8.40 -38.29 3.42
N LEU A 233 8.39 -37.03 2.99
CA LEU A 233 7.33 -36.10 3.39
C LEU A 233 6.01 -36.36 2.66
N LYS A 234 4.90 -36.08 3.34
CA LYS A 234 3.57 -36.26 2.77
C LYS A 234 3.16 -35.05 1.94
N PRO A 235 2.35 -35.26 0.89
CA PRO A 235 1.90 -34.14 0.08
C PRO A 235 1.01 -33.22 0.91
N ALA A 236 1.16 -31.90 0.73
CA ALA A 236 0.51 -30.94 1.62
C ALA A 236 -0.79 -30.35 1.06
N PHE A 237 -0.96 -30.39 -0.26
CA PHE A 237 -2.14 -29.78 -0.86
C PHE A 237 -3.08 -30.67 -1.66
N ARG A 238 -2.60 -31.81 -2.12
CA ARG A 238 -3.45 -32.73 -2.87
C ARG A 238 -3.10 -34.16 -2.51
N LYS A 239 -4.10 -35.03 -2.43
CA LYS A 239 -3.82 -36.43 -2.15
C LYS A 239 -3.07 -36.90 -3.38
N ASP A 240 -2.06 -37.75 -3.21
CA ASP A 240 -1.29 -38.22 -4.36
C ASP A 240 -0.57 -37.07 -5.05
N GLY A 241 -0.39 -35.97 -4.33
CA GLY A 241 0.32 -34.82 -4.85
C GLY A 241 1.82 -34.96 -4.67
N SER A 242 2.53 -33.86 -4.93
CA SER A 242 4.00 -33.86 -4.82
C SER A 242 4.55 -32.59 -4.13
N VAL A 243 3.72 -31.56 -4.00
CA VAL A 243 4.13 -30.39 -3.23
C VAL A 243 4.02 -30.72 -1.74
N THR A 244 5.12 -30.52 -1.01
CA THR A 244 5.19 -30.86 0.41
C THR A 244 5.67 -29.64 1.21
N ALA A 245 5.70 -29.77 2.54
CA ALA A 245 6.27 -28.71 3.35
C ALA A 245 7.76 -28.55 3.08
N GLY A 246 8.41 -29.64 2.66
CA GLY A 246 9.84 -29.62 2.43
C GLY A 246 10.25 -28.96 1.12
N ASN A 247 9.39 -29.02 0.11
CA ASN A 247 9.74 -28.39 -1.15
C ASN A 247 8.95 -27.11 -1.42
N ALA A 248 8.37 -26.57 -0.34
CA ALA A 248 7.66 -25.30 -0.40
C ALA A 248 8.45 -24.31 0.45
N SER A 249 8.30 -23.03 0.17
CA SER A 249 8.96 -22.02 1.01
C SER A 249 8.29 -22.02 2.38
N GLY A 250 8.95 -21.44 3.37
CA GLY A 250 8.38 -21.39 4.70
C GLY A 250 7.52 -20.16 4.94
N LEU A 251 7.02 -20.08 6.17
CA LEU A 251 6.43 -18.87 6.72
C LEU A 251 7.57 -18.24 7.52
N ASN A 252 7.84 -16.97 7.29
CA ASN A 252 9.08 -16.38 7.81
C ASN A 252 8.97 -14.90 8.13
N ASP A 253 9.95 -14.39 8.86
CA ASP A 253 9.99 -12.99 9.28
C ASP A 253 11.25 -12.32 8.75
N GLY A 254 11.13 -11.10 8.24
CA GLY A 254 12.34 -10.42 7.79
C GLY A 254 12.06 -9.03 7.26
N SER A 255 13.10 -8.20 7.19
CA SER A 255 12.99 -6.91 6.52
C SER A 255 14.18 -6.72 5.60
N ALA A 256 14.03 -5.83 4.62
CA ALA A 256 15.12 -5.55 3.68
C ALA A 256 14.91 -4.16 3.08
N VAL A 257 15.99 -3.41 2.95
CA VAL A 257 15.89 -1.98 2.65
C VAL A 257 17.02 -1.58 1.70
N LEU A 258 16.69 -0.77 0.70
CA LEU A 258 17.70 -0.16 -0.17
C LEU A 258 17.66 1.35 0.01
N VAL A 259 18.80 2.02 -0.20
CA VAL A 259 18.80 3.47 -0.33
C VAL A 259 18.96 3.76 -1.82
N LEU A 260 18.02 4.53 -2.38
CA LEU A 260 18.06 4.88 -3.79
C LEU A 260 18.15 6.39 -3.94
N MET A 261 18.82 6.85 -4.99
CA MET A 261 18.85 8.28 -5.25
C MET A 261 19.11 8.52 -6.73
N SER A 262 18.98 9.76 -7.18
CA SER A 262 19.30 10.05 -8.57
C SER A 262 20.81 9.88 -8.76
N GLU A 263 21.21 9.50 -9.97
CA GLU A 263 22.62 9.37 -10.25
C GLU A 263 23.34 10.71 -10.05
N GLU A 264 22.65 11.80 -10.37
CA GLU A 264 23.22 13.13 -10.18
CA GLU A 264 23.17 13.15 -10.19
C GLU A 264 23.46 13.43 -8.70
N LYS A 265 22.53 13.04 -7.84
CA LYS A 265 22.68 13.21 -6.41
C LYS A 265 23.87 12.42 -5.89
N ALA A 266 24.04 11.19 -6.39
CA ALA A 266 25.19 10.39 -5.98
C ALA A 266 26.50 11.05 -6.41
N LYS A 267 26.53 11.59 -7.63
CA LYS A 267 27.72 12.29 -8.11
C LYS A 267 28.00 13.51 -7.23
N GLU A 268 26.95 14.24 -6.89
CA GLU A 268 27.05 15.42 -6.03
CA GLU A 268 27.06 15.42 -6.03
C GLU A 268 27.73 15.05 -4.71
N LYS A 269 27.34 13.92 -4.16
CA LYS A 269 27.81 13.46 -2.85
CA LYS A 269 27.83 13.51 -2.84
C LYS A 269 29.17 12.77 -2.90
N GLY A 270 29.65 12.47 -4.10
CA GLY A 270 30.90 11.75 -4.26
C GLY A 270 30.76 10.28 -3.88
N LEU A 271 29.59 9.72 -4.10
CA LEU A 271 29.31 8.33 -3.71
C LEU A 271 29.46 7.39 -4.90
N GLN A 272 30.10 6.25 -4.67
CA GLN A 272 30.09 5.15 -5.64
C GLN A 272 28.90 4.23 -5.35
N PRO A 273 27.87 4.28 -6.22
CA PRO A 273 26.73 3.40 -5.96
C PRO A 273 27.08 1.93 -6.17
N LEU A 274 26.27 1.06 -5.59
CA LEU A 274 26.42 -0.38 -5.75
C LEU A 274 25.90 -0.83 -7.11
N ALA A 275 24.85 -0.16 -7.59
CA ALA A 275 24.12 -0.62 -8.75
C ALA A 275 23.21 0.46 -9.31
N ARG A 276 22.75 0.27 -10.55
CA ARG A 276 21.72 1.11 -11.13
C ARG A 276 20.50 0.27 -11.51
N ILE A 277 19.34 0.90 -11.51
CA ILE A 277 18.16 0.25 -12.03
C ILE A 277 18.02 0.57 -13.50
N VAL A 278 17.93 -0.44 -14.36
CA VAL A 278 17.74 -0.16 -15.78
C VAL A 278 16.33 -0.38 -16.30
N GLY A 279 15.49 -1.08 -15.53
CA GLY A 279 14.11 -1.30 -15.93
C GLY A 279 13.33 -2.16 -14.95
N TYR A 280 12.01 -2.20 -15.13
CA TYR A 280 11.15 -3.05 -14.32
C TYR A 280 9.87 -3.31 -15.08
N SER A 281 9.19 -4.40 -14.75
CA SER A 281 8.00 -4.77 -15.50
C SER A 281 7.01 -5.56 -14.62
N VAL A 282 5.74 -5.49 -15.01
CA VAL A 282 4.66 -6.15 -14.27
C VAL A 282 3.73 -6.83 -15.28
N ALA A 283 3.38 -8.08 -15.02
CA ALA A 283 2.47 -8.80 -15.93
C ALA A 283 1.39 -9.55 -15.16
N GLY A 284 0.16 -9.49 -15.65
CA GLY A 284 -0.93 -10.21 -15.01
C GLY A 284 -1.25 -11.54 -15.68
N VAL A 285 -1.47 -12.56 -14.85
CA VAL A 285 -1.80 -13.91 -15.33
C VAL A 285 -2.98 -14.50 -14.57
N ASP A 286 -3.37 -15.71 -14.95
CA ASP A 286 -4.43 -16.46 -14.27
C ASP A 286 -4.06 -16.73 -12.81
N PRO A 287 -4.88 -16.24 -11.86
CA PRO A 287 -4.54 -16.46 -10.44
C PRO A 287 -4.37 -17.94 -10.09
N LYS A 288 -5.07 -18.81 -10.82
CA LYS A 288 -5.01 -20.24 -10.54
C LYS A 288 -3.64 -20.85 -10.85
N ILE A 289 -2.84 -20.15 -11.63
CA ILE A 289 -1.44 -20.53 -11.87
C ILE A 289 -0.52 -19.33 -11.66
N MET A 290 -0.78 -18.57 -10.59
CA MET A 290 -0.04 -17.36 -10.28
C MET A 290 1.48 -17.55 -10.32
N GLY A 291 1.94 -18.77 -10.10
CA GLY A 291 3.37 -19.02 -9.98
C GLY A 291 4.16 -18.76 -11.26
N ILE A 292 3.45 -18.73 -12.40
CA ILE A 292 4.09 -18.54 -13.71
C ILE A 292 4.35 -17.06 -14.02
N GLY A 293 3.83 -16.17 -13.19
CA GLY A 293 4.00 -14.75 -13.40
C GLY A 293 5.36 -14.26 -13.90
N PRO A 294 6.46 -14.76 -13.30
CA PRO A 294 7.76 -14.24 -13.74
C PRO A 294 8.04 -14.42 -15.24
N ALA A 295 7.45 -15.43 -15.88
CA ALA A 295 7.75 -15.64 -17.30
C ALA A 295 7.36 -14.44 -18.18
N PRO A 296 6.06 -14.08 -18.19
CA PRO A 296 5.70 -12.90 -18.98
C PRO A 296 6.32 -11.59 -18.44
N ALA A 297 6.53 -11.49 -17.14
CA ALA A 297 7.14 -10.28 -16.57
C ALA A 297 8.57 -10.12 -17.08
N ILE A 298 9.32 -11.22 -17.06
CA ILE A 298 10.70 -11.18 -17.54
C ILE A 298 10.74 -10.92 -19.05
N ARG A 299 9.90 -11.61 -19.82
CA ARG A 299 9.90 -11.39 -21.26
C ARG A 299 9.57 -9.94 -21.60
N LYS A 300 8.55 -9.41 -20.93
CA LYS A 300 8.11 -8.02 -21.14
C LYS A 300 9.24 -7.05 -20.84
N GLY A 301 9.90 -7.27 -19.71
CA GLY A 301 11.00 -6.42 -19.27
C GLY A 301 12.23 -6.46 -20.15
N LEU A 302 12.59 -7.65 -20.63
CA LEU A 302 13.75 -7.80 -21.50
C LEU A 302 13.57 -7.00 -22.78
N GLU A 303 12.32 -6.97 -23.26
CA GLU A 303 11.99 -6.22 -24.47
C GLU A 303 12.23 -4.73 -24.21
N LYS A 304 11.86 -4.29 -23.01
CA LYS A 304 11.98 -2.89 -22.63
C LYS A 304 13.42 -2.43 -22.48
N VAL A 305 14.26 -3.28 -21.89
CA VAL A 305 15.66 -2.90 -21.64
C VAL A 305 16.60 -3.36 -22.72
N ASP A 306 16.06 -4.09 -23.70
CA ASP A 306 16.82 -4.53 -24.85
C ASP A 306 17.95 -5.47 -24.43
N TRP A 307 17.64 -6.38 -23.52
CA TRP A 307 18.54 -7.46 -23.16
C TRP A 307 18.00 -8.76 -23.75
N SER A 308 18.89 -9.68 -24.06
CA SER A 308 18.51 -11.06 -24.26
C SER A 308 18.54 -11.69 -22.87
N LEU A 309 17.79 -12.77 -22.69
CA LEU A 309 17.82 -13.48 -21.42
C LEU A 309 19.26 -13.92 -21.14
N GLU A 310 19.96 -14.32 -22.21
CA GLU A 310 21.33 -14.79 -22.13
C GLU A 310 22.31 -13.74 -21.60
N ASP A 311 21.98 -12.47 -21.81
CA ASP A 311 22.82 -11.36 -21.32
C ASP A 311 22.87 -11.29 -19.79
N ALA A 312 21.83 -11.75 -19.11
CA ALA A 312 21.80 -11.69 -17.66
C ALA A 312 22.90 -12.56 -17.09
N ASP A 313 23.68 -12.00 -16.16
CA ASP A 313 24.76 -12.74 -15.52
C ASP A 313 24.27 -13.58 -14.35
N LEU A 314 23.32 -13.02 -13.58
CA LEU A 314 22.69 -13.75 -12.48
C LEU A 314 21.21 -13.42 -12.41
N LEU A 315 20.43 -14.38 -11.95
CA LEU A 315 19.02 -14.16 -11.70
C LEU A 315 18.64 -14.61 -10.30
N GLU A 316 17.72 -13.88 -9.69
CA GLU A 316 17.02 -14.32 -8.49
C GLU A 316 15.56 -14.46 -8.89
N ILE A 317 15.06 -15.69 -8.83
CA ILE A 317 13.64 -15.98 -9.08
CA ILE A 317 13.64 -15.92 -9.05
C ILE A 317 13.11 -16.61 -7.80
N ASN A 318 12.29 -15.89 -7.05
CA ASN A 318 11.94 -16.44 -5.74
C ASN A 318 11.29 -17.82 -5.84
N GLU A 319 11.74 -18.74 -4.98
CA GLU A 319 11.11 -20.05 -4.86
C GLU A 319 9.95 -19.99 -3.84
N ALA A 320 8.74 -19.67 -4.30
CA ALA A 320 7.57 -19.77 -3.44
C ALA A 320 7.27 -21.26 -3.19
N PHE A 321 7.40 -22.04 -4.26
CA PHE A 321 7.38 -23.49 -4.18
C PHE A 321 8.41 -23.94 -5.18
N ALA A 322 9.08 -25.06 -4.91
CA ALA A 322 10.03 -25.56 -5.89
C ALA A 322 9.33 -25.79 -7.23
N ALA A 323 8.10 -26.29 -7.19
CA ALA A 323 7.34 -26.59 -8.39
C ALA A 323 7.09 -25.32 -9.20
N GLN A 324 6.80 -24.23 -8.47
CA GLN A 324 6.53 -22.96 -9.13
C GLN A 324 7.78 -22.45 -9.80
N TYR A 325 8.90 -22.52 -9.10
CA TYR A 325 10.18 -22.15 -9.70
C TYR A 325 10.44 -22.99 -10.96
N LEU A 326 10.23 -24.30 -10.85
CA LEU A 326 10.50 -25.20 -11.97
C LEU A 326 9.66 -24.86 -13.21
N ALA A 327 8.42 -24.44 -13.00
CA ALA A 327 7.57 -24.04 -14.13
C ALA A 327 8.20 -22.85 -14.85
N VAL A 328 8.66 -21.86 -14.09
CA VAL A 328 9.33 -20.70 -14.67
C VAL A 328 10.60 -21.11 -15.40
N GLU A 329 11.41 -21.94 -14.75
CA GLU A 329 12.64 -22.44 -15.37
C GLU A 329 12.38 -23.13 -16.72
N LYS A 330 11.38 -24.00 -16.75
CA LYS A 330 11.02 -24.71 -17.98
C LYS A 330 10.46 -23.77 -19.03
N GLU A 331 9.61 -22.84 -18.62
CA GLU A 331 8.98 -21.92 -19.57
C GLU A 331 10.00 -21.02 -20.26
N LEU A 332 10.95 -20.50 -19.49
CA LEU A 332 11.98 -19.60 -20.00
C LEU A 332 13.25 -20.31 -20.45
N ASP A 333 13.31 -21.62 -20.22
CA ASP A 333 14.53 -22.41 -20.46
C ASP A 333 15.75 -21.77 -19.83
N LEU A 334 15.67 -21.50 -18.52
CA LEU A 334 16.76 -20.86 -17.80
C LEU A 334 17.96 -21.78 -17.60
N ASP A 335 19.14 -21.17 -17.50
CA ASP A 335 20.35 -21.87 -17.09
C ASP A 335 20.43 -21.86 -15.56
N ARG A 336 20.11 -22.98 -14.94
CA ARG A 336 20.00 -23.00 -13.48
C ARG A 336 21.29 -22.57 -12.78
N GLU A 337 22.43 -22.76 -13.45
CA GLU A 337 23.72 -22.38 -12.86
C GLU A 337 23.86 -20.87 -12.64
N LYS A 338 22.99 -20.10 -13.28
CA LYS A 338 22.97 -18.64 -13.10
C LYS A 338 21.86 -18.18 -12.18
N VAL A 339 21.05 -19.10 -11.68
CA VAL A 339 19.82 -18.72 -10.97
C VAL A 339 19.85 -19.11 -9.50
N ASN A 340 19.47 -18.19 -8.61
CA ASN A 340 19.38 -18.52 -7.19
C ASN A 340 20.65 -19.22 -6.69
N VAL A 341 21.80 -18.60 -6.95
CA VAL A 341 23.06 -19.31 -6.80
C VAL A 341 23.48 -19.53 -5.34
N ASN A 342 22.84 -18.82 -4.43
CA ASN A 342 23.06 -19.04 -3.00
C ASN A 342 21.78 -19.50 -2.31
N GLY A 343 20.90 -20.13 -3.08
CA GLY A 343 19.62 -20.60 -2.56
C GLY A 343 18.49 -19.61 -2.74
N SER A 344 17.29 -20.02 -2.35
CA SER A 344 16.15 -19.11 -2.44
C SER A 344 15.10 -19.48 -1.40
N GLY A 345 13.84 -19.19 -1.70
CA GLY A 345 12.78 -19.29 -0.71
C GLY A 345 12.64 -20.61 0.02
N VAL A 346 12.93 -21.73 -0.64
CA VAL A 346 12.76 -23.00 0.03
C VAL A 346 13.78 -23.14 1.17
N GLY A 347 15.03 -22.81 0.89
CA GLY A 347 16.04 -22.89 1.93
C GLY A 347 16.11 -21.72 2.89
N LEU A 348 15.90 -20.51 2.38
CA LEU A 348 16.10 -19.29 3.15
C LEU A 348 14.83 -18.76 3.80
N GLY A 349 13.67 -19.14 3.29
CA GLY A 349 12.42 -18.64 3.83
C GLY A 349 11.78 -17.58 2.95
N HIS A 350 10.51 -17.31 3.21
CA HIS A 350 9.73 -16.37 2.41
C HIS A 350 8.88 -15.39 3.23
N PRO A 351 9.48 -14.35 3.81
CA PRO A 351 8.69 -13.36 4.53
C PRO A 351 8.14 -12.52 3.40
N ILE A 352 6.86 -12.70 3.13
CA ILE A 352 6.29 -12.27 1.86
C ILE A 352 6.42 -10.80 1.49
N GLY A 353 6.13 -9.89 2.41
CA GLY A 353 6.22 -8.48 2.11
C GLY A 353 7.65 -8.07 1.80
N CYS A 354 8.55 -8.67 2.55
CA CYS A 354 9.99 -8.48 2.43
C CYS A 354 10.69 -9.02 1.18
N THR A 355 10.22 -10.16 0.70
CA THR A 355 10.99 -10.97 -0.24
C THR A 355 11.40 -10.27 -1.53
N GLY A 356 10.51 -9.47 -2.10
CA GLY A 356 10.82 -8.79 -3.35
C GLY A 356 12.00 -7.85 -3.20
N ALA A 357 12.14 -7.26 -2.00
CA ALA A 357 13.31 -6.44 -1.68
C ALA A 357 14.51 -7.31 -1.28
N ARG A 358 14.25 -8.37 -0.52
CA ARG A 358 15.31 -9.28 -0.06
C ARG A 358 16.12 -9.88 -1.21
N ILE A 359 15.43 -10.39 -2.22
CA ILE A 359 16.14 -11.02 -3.34
C ILE A 359 16.93 -9.97 -4.13
N THR A 360 16.48 -8.72 -4.10
CA THR A 360 17.21 -7.65 -4.79
C THR A 360 18.50 -7.32 -4.03
N VAL A 361 18.38 -7.21 -2.70
CA VAL A 361 19.57 -7.05 -1.85
C VAL A 361 20.60 -8.15 -2.14
N SER A 362 20.13 -9.40 -2.12
CA SER A 362 21.03 -10.53 -2.32
C SER A 362 21.68 -10.54 -3.71
N LEU A 363 20.87 -10.24 -4.73
CA LEU A 363 21.39 -10.16 -6.09
C LEU A 363 22.50 -9.12 -6.22
N ILE A 364 22.26 -7.94 -5.67
CA ILE A 364 23.24 -6.86 -5.79
C ILE A 364 24.59 -7.27 -5.22
N HIS A 365 24.57 -7.87 -4.04
CA HIS A 365 25.80 -8.26 -3.38
C HIS A 365 26.51 -9.42 -4.07
N GLU A 366 25.73 -10.36 -4.63
CA GLU A 366 26.35 -11.51 -5.30
C GLU A 366 26.93 -11.11 -6.66
N LEU A 367 26.24 -10.24 -7.40
CA LEU A 367 26.83 -9.71 -8.63
C LEU A 367 28.19 -9.08 -8.29
N LYS A 368 28.23 -8.26 -7.26
CA LYS A 368 29.47 -7.58 -6.89
C LYS A 368 30.57 -8.58 -6.47
N ARG A 369 30.19 -9.57 -5.67
CA ARG A 369 31.14 -10.58 -5.23
C ARG A 369 31.78 -11.33 -6.40
N ARG A 370 30.95 -11.65 -7.41
CA ARG A 370 31.44 -12.36 -8.59
C ARG A 370 32.05 -11.45 -9.65
N GLY A 371 31.95 -10.14 -9.45
CA GLY A 371 32.46 -9.18 -10.43
C GLY A 371 31.67 -9.17 -11.73
N LEU A 372 30.37 -9.46 -11.62
CA LEU A 372 29.48 -9.49 -12.78
C LEU A 372 28.56 -8.27 -12.81
N GLU A 373 27.93 -8.02 -13.95
CA GLU A 373 27.16 -6.78 -14.14
C GLU A 373 25.65 -6.93 -14.11
N LYS A 374 25.10 -7.77 -14.99
CA LYS A 374 23.66 -7.75 -15.24
C LYS A 374 22.84 -8.72 -14.41
N GLY A 375 21.83 -8.21 -13.74
CA GLY A 375 20.99 -9.02 -12.85
C GLY A 375 19.51 -8.86 -13.14
N ILE A 376 18.78 -9.95 -12.97
CA ILE A 376 17.32 -9.91 -13.02
C ILE A 376 16.78 -10.49 -11.73
N ALA A 377 15.88 -9.76 -11.06
CA ALA A 377 15.19 -10.28 -9.90
C ALA A 377 13.70 -10.32 -10.22
N SER A 378 13.06 -11.44 -9.94
CA SER A 378 11.66 -11.58 -10.33
C SER A 378 10.92 -12.54 -9.43
N LEU A 379 9.63 -12.31 -9.23
CA LEU A 379 8.88 -13.25 -8.41
C LEU A 379 7.40 -13.27 -8.74
N CYS A 380 6.75 -14.40 -8.43
CA CYS A 380 5.33 -14.57 -8.64
C CYS A 380 4.60 -13.91 -7.48
N VAL A 381 3.32 -13.68 -7.66
CA VAL A 381 2.52 -12.91 -6.71
C VAL A 381 1.15 -13.55 -6.60
N GLY A 382 0.68 -13.83 -5.38
CA GLY A 382 -0.66 -14.34 -5.21
C GLY A 382 -1.64 -13.38 -5.87
N GLY A 383 -2.68 -13.93 -6.49
CA GLY A 383 -3.62 -13.11 -7.23
C GLY A 383 -3.30 -13.05 -8.72
N GLY A 384 -2.16 -13.62 -9.10
CA GLY A 384 -1.78 -13.76 -10.50
C GLY A 384 -0.97 -12.61 -11.10
N ILE A 385 0.14 -12.27 -10.47
CA ILE A 385 1.01 -11.21 -10.99
C ILE A 385 2.46 -11.66 -11.02
N GLY A 386 3.20 -11.21 -12.02
CA GLY A 386 4.63 -11.39 -12.03
C GLY A 386 5.28 -10.01 -12.07
N VAL A 387 6.39 -9.85 -11.37
CA VAL A 387 7.11 -8.59 -11.37
C VAL A 387 8.58 -8.88 -11.59
N ALA A 388 9.25 -8.04 -12.39
CA ALA A 388 10.69 -8.22 -12.62
C ALA A 388 11.44 -6.89 -12.56
N LEU A 389 12.65 -6.96 -12.03
CA LEU A 389 13.50 -5.79 -11.84
C LEU A 389 14.85 -6.06 -12.50
N PHE A 390 15.33 -5.10 -13.28
CA PHE A 390 16.54 -5.28 -14.08
C PHE A 390 17.59 -4.30 -13.59
N ILE A 391 18.74 -4.83 -13.17
CA ILE A 391 19.77 -3.98 -12.57
C ILE A 391 21.15 -4.23 -13.17
N GLU A 392 22.03 -3.25 -13.03
CA GLU A 392 23.43 -3.42 -13.41
C GLU A 392 24.29 -3.04 -12.22
N ALA A 393 25.13 -3.96 -11.76
CA ALA A 393 26.09 -3.64 -10.72
C ALA A 393 27.13 -2.67 -11.26
N LEU A 394 27.57 -1.74 -10.44
CA LEU A 394 28.52 -0.75 -10.90
C LEU A 394 29.94 -1.12 -10.49
N ALA B 3 7.68 8.68 -22.91
CA ALA B 3 7.86 9.16 -21.54
C ALA B 3 7.70 10.69 -21.42
N MET B 4 7.61 11.16 -20.18
CA MET B 4 7.29 12.55 -19.87
C MET B 4 5.97 12.99 -20.55
N HIS B 5 4.90 12.34 -20.11
CA HIS B 5 3.55 12.65 -20.58
C HIS B 5 2.81 13.54 -19.58
N ASN B 6 1.84 14.32 -20.08
CA ASN B 6 0.90 14.99 -19.20
C ASN B 6 -0.22 14.03 -18.84
N VAL B 7 -0.82 14.23 -17.67
CA VAL B 7 -1.84 13.30 -17.18
C VAL B 7 -3.21 13.97 -17.16
N VAL B 8 -4.18 13.32 -17.79
CA VAL B 8 -5.54 13.84 -17.78
C VAL B 8 -6.50 12.84 -17.15
N ILE B 9 -7.68 13.32 -16.78
CA ILE B 9 -8.66 12.49 -16.09
C ILE B 9 -9.92 12.46 -16.95
N THR B 10 -10.39 11.27 -17.32
CA THR B 10 -11.55 11.18 -18.22
C THR B 10 -12.85 10.73 -17.53
N ALA B 11 -12.75 10.34 -16.26
CA ALA B 11 -13.92 9.98 -15.47
C ALA B 11 -13.60 10.15 -14.00
N ALA B 12 -14.61 10.51 -13.22
CA ALA B 12 -14.44 10.75 -11.80
C ALA B 12 -15.77 10.45 -11.13
N VAL B 13 -15.88 9.30 -10.47
CA VAL B 13 -17.15 8.89 -9.89
C VAL B 13 -16.96 8.36 -8.47
N ARG B 14 -18.05 8.24 -7.73
CA ARG B 14 -17.96 7.75 -6.35
C ARG B 14 -19.25 7.07 -5.93
N SER B 15 -19.18 6.21 -4.92
CA SER B 15 -20.42 5.75 -4.29
C SER B 15 -20.99 6.90 -3.47
N PRO B 16 -22.28 6.80 -3.08
CA PRO B 16 -22.73 7.68 -2.01
C PRO B 16 -21.97 7.29 -0.75
N ILE B 17 -21.89 8.18 0.24
CA ILE B 17 -21.13 7.88 1.44
C ILE B 17 -22.11 7.39 2.49
N GLY B 18 -21.91 6.17 2.96
CA GLY B 18 -22.76 5.59 4.00
C GLY B 18 -22.31 5.99 5.39
N THR B 19 -23.23 5.98 6.36
CA THR B 19 -22.86 6.21 7.76
C THR B 19 -22.49 4.90 8.44
N PHE B 20 -21.75 4.98 9.53
CA PHE B 20 -21.31 3.76 10.22
C PHE B 20 -22.52 2.93 10.66
N GLY B 21 -22.54 1.66 10.24
CA GLY B 21 -23.65 0.77 10.55
C GLY B 21 -24.86 1.05 9.69
N GLY B 22 -24.67 1.87 8.66
CA GLY B 22 -25.75 2.30 7.79
C GLY B 22 -25.98 1.42 6.56
N ALA B 23 -26.20 2.07 5.42
CA ALA B 23 -26.63 1.36 4.21
C ALA B 23 -25.62 0.31 3.76
N LEU B 24 -24.34 0.60 3.98
CA LEU B 24 -23.25 -0.26 3.52
C LEU B 24 -22.69 -1.13 4.64
N LYS B 25 -23.47 -1.30 5.71
CA LYS B 25 -23.04 -2.04 6.89
C LYS B 25 -22.40 -3.38 6.56
N ASN B 26 -23.00 -4.10 5.62
CA ASN B 26 -22.57 -5.46 5.32
C ASN B 26 -21.84 -5.59 3.99
N VAL B 27 -21.23 -4.50 3.54
CA VAL B 27 -20.50 -4.52 2.29
C VAL B 27 -19.00 -4.48 2.57
N THR B 28 -18.23 -5.34 1.90
CA THR B 28 -16.77 -5.34 2.05
C THR B 28 -16.11 -4.31 1.14
N PRO B 29 -14.83 -4.01 1.39
CA PRO B 29 -14.20 -3.00 0.54
C PRO B 29 -14.16 -3.41 -0.94
N VAL B 30 -13.85 -4.66 -1.24
CA VAL B 30 -13.87 -5.08 -2.64
C VAL B 30 -15.27 -4.91 -3.21
N GLU B 31 -16.28 -5.35 -2.48
CA GLU B 31 -17.65 -5.24 -2.97
C GLU B 31 -18.08 -3.80 -3.24
N LEU B 32 -17.56 -2.88 -2.43
CA LEU B 32 -17.93 -1.48 -2.56
C LEU B 32 -17.16 -0.81 -3.71
N ALA B 33 -15.96 -1.32 -3.99
CA ALA B 33 -15.13 -0.78 -5.06
C ALA B 33 -15.63 -1.23 -6.43
N VAL B 34 -16.09 -2.47 -6.52
CA VAL B 34 -16.41 -3.07 -7.82
C VAL B 34 -17.35 -2.24 -8.72
N PRO B 35 -18.54 -1.87 -8.21
CA PRO B 35 -19.45 -1.16 -9.12
C PRO B 35 -18.93 0.22 -9.54
N VAL B 36 -18.12 0.84 -8.69
CA VAL B 36 -17.57 2.15 -9.01
C VAL B 36 -16.41 2.01 -10.01
N LEU B 37 -15.61 0.96 -9.86
CA LEU B 37 -14.62 0.61 -10.89
C LEU B 37 -15.26 0.39 -12.25
N GLN B 38 -16.33 -0.40 -12.28
CA GLN B 38 -17.02 -0.69 -13.53
C GLN B 38 -17.58 0.57 -14.18
N GLU B 39 -18.26 1.40 -13.39
CA GLU B 39 -18.85 2.61 -13.96
C GLU B 39 -17.78 3.60 -14.42
N ALA B 40 -16.69 3.72 -13.67
CA ALA B 40 -15.63 4.64 -14.04
C ALA B 40 -15.06 4.28 -15.40
N VAL B 41 -14.78 3.00 -15.61
CA VAL B 41 -14.21 2.55 -16.87
C VAL B 41 -15.18 2.75 -18.03
N LYS B 42 -16.47 2.52 -17.76
CA LYS B 42 -17.51 2.74 -18.76
C LYS B 42 -17.53 4.20 -19.21
N ARG B 43 -17.44 5.11 -18.26
CA ARG B 43 -17.46 6.55 -18.55
C ARG B 43 -16.15 7.11 -19.10
N GLY B 44 -15.06 6.43 -18.79
CA GLY B 44 -13.71 6.95 -19.01
C GLY B 44 -13.20 6.75 -20.41
N GLY B 45 -14.04 6.17 -21.26
CA GLY B 45 -13.70 6.01 -22.67
C GLY B 45 -12.82 4.83 -23.02
N VAL B 46 -12.68 3.87 -22.11
CA VAL B 46 -11.85 2.70 -22.38
C VAL B 46 -12.60 1.39 -22.11
N GLU B 47 -12.14 0.31 -22.73
CA GLU B 47 -12.61 -1.03 -22.40
C GLU B 47 -11.71 -1.57 -21.29
N PRO B 48 -12.22 -2.48 -20.46
CA PRO B 48 -11.39 -2.98 -19.36
C PRO B 48 -10.02 -3.48 -19.79
N HIS B 49 -9.91 -4.14 -20.95
CA HIS B 49 -8.62 -4.68 -21.37
C HIS B 49 -7.56 -3.60 -21.63
N GLU B 50 -8.01 -2.36 -21.80
CA GLU B 50 -7.11 -1.23 -22.05
C GLU B 50 -6.53 -0.65 -20.76
N VAL B 51 -7.09 -1.05 -19.62
CA VAL B 51 -6.59 -0.56 -18.32
C VAL B 51 -5.30 -1.27 -17.96
N ASP B 52 -4.24 -0.50 -17.68
CA ASP B 52 -2.94 -1.10 -17.39
C ASP B 52 -2.77 -1.47 -15.92
N GLU B 53 -3.41 -0.70 -15.04
CA GLU B 53 -3.23 -0.88 -13.60
C GLU B 53 -4.45 -0.32 -12.90
N VAL B 54 -4.85 -0.97 -11.80
CA VAL B 54 -5.79 -0.38 -10.85
C VAL B 54 -5.04 -0.09 -9.56
N ILE B 55 -5.08 1.14 -9.09
CA ILE B 55 -4.39 1.50 -7.85
C ILE B 55 -5.41 2.04 -6.87
N LEU B 56 -5.52 1.42 -5.71
CA LEU B 56 -6.48 1.87 -4.69
C LEU B 56 -5.80 2.21 -3.36
N GLY B 57 -6.27 3.29 -2.73
CA GLY B 57 -5.82 3.67 -1.41
C GLY B 57 -6.80 2.96 -0.48
N HIS B 58 -6.30 2.31 0.56
CA HIS B 58 -7.15 1.59 1.51
C HIS B 58 -6.51 1.53 2.90
N CYS B 59 -7.12 2.19 3.88
CA CYS B 59 -6.57 2.18 5.25
C CYS B 59 -6.64 0.91 6.09
N ILE B 60 -7.76 0.20 6.02
CA ILE B 60 -7.92 -1.00 6.81
C ILE B 60 -8.06 -2.18 5.88
N GLN B 61 -6.91 -2.58 5.35
CA GLN B 61 -6.82 -3.68 4.41
C GLN B 61 -7.17 -4.99 5.10
N ARG B 62 -7.66 -5.94 4.33
CA ARG B 62 -8.09 -7.23 4.88
C ARG B 62 -7.34 -8.38 4.22
N THR B 63 -6.85 -9.30 5.03
CA THR B 63 -6.14 -10.46 4.50
C THR B 63 -7.06 -11.44 3.77
N ASP B 64 -8.38 -11.33 3.97
CA ASP B 64 -9.31 -12.15 3.19
C ASP B 64 -9.64 -11.55 1.82
N GLU B 65 -9.08 -10.36 1.57
CA GLU B 65 -9.20 -9.69 0.27
C GLU B 65 -7.83 -9.11 -0.08
N ALA B 66 -6.81 -9.95 0.00
CA ALA B 66 -5.45 -9.51 -0.18
C ALA B 66 -5.21 -8.73 -1.44
N ASN B 67 -4.62 -7.56 -1.28
CA ASN B 67 -4.37 -6.66 -2.39
C ASN B 67 -5.75 -6.23 -2.89
N THR B 68 -6.33 -5.27 -2.19
CA THR B 68 -7.65 -4.82 -2.54
C THR B 68 -7.84 -4.44 -4.01
N ALA B 69 -6.88 -3.74 -4.57
CA ALA B 69 -6.96 -3.28 -5.96
C ALA B 69 -7.02 -4.45 -6.94
N ARG B 70 -6.10 -5.40 -6.82
CA ARG B 70 -6.10 -6.54 -7.75
C ARG B 70 -7.37 -7.38 -7.57
N THR B 71 -7.76 -7.62 -6.33
CA THR B 71 -8.94 -8.44 -6.05
C THR B 71 -10.19 -7.74 -6.61
N ALA B 72 -10.27 -6.43 -6.44
CA ALA B 72 -11.42 -5.71 -6.96
C ALA B 72 -11.42 -5.71 -8.49
N ALA B 73 -10.25 -5.56 -9.11
CA ALA B 73 -10.17 -5.63 -10.56
C ALA B 73 -10.75 -6.96 -11.06
N LEU B 74 -10.33 -8.06 -10.43
CA LEU B 74 -10.80 -9.38 -10.85
C LEU B 74 -12.30 -9.55 -10.56
N ALA B 75 -12.73 -9.12 -9.38
CA ALA B 75 -14.13 -9.25 -9.00
C ALA B 75 -15.01 -8.42 -9.91
N ALA B 76 -14.46 -7.35 -10.46
CA ALA B 76 -15.21 -6.48 -11.38
C ALA B 76 -15.30 -7.08 -12.78
N GLY B 77 -14.60 -8.19 -13.01
CA GLY B 77 -14.66 -8.88 -14.28
C GLY B 77 -13.60 -8.42 -15.27
N PHE B 78 -12.67 -7.60 -14.80
CA PHE B 78 -11.59 -7.13 -15.65
C PHE B 78 -10.66 -8.31 -16.01
N PRO B 79 -10.07 -8.26 -17.19
CA PRO B 79 -9.18 -9.34 -17.64
C PRO B 79 -8.01 -9.57 -16.68
N ASP B 80 -7.45 -10.77 -16.71
CA ASP B 80 -6.33 -11.13 -15.84
C ASP B 80 -5.13 -10.23 -16.04
N THR B 81 -5.04 -9.61 -17.21
CA THR B 81 -3.93 -8.73 -17.54
C THR B 81 -3.96 -7.42 -16.77
N VAL B 82 -5.12 -7.10 -16.20
CA VAL B 82 -5.27 -5.86 -15.47
C VAL B 82 -4.76 -6.03 -14.04
N THR B 83 -3.54 -5.57 -13.80
CA THR B 83 -2.92 -5.77 -12.50
C THR B 83 -3.34 -4.65 -11.54
N GLY B 84 -2.95 -4.78 -10.28
CA GLY B 84 -3.28 -3.72 -9.34
C GLY B 84 -2.40 -3.78 -8.12
N TYR B 85 -2.34 -2.67 -7.41
CA TYR B 85 -1.74 -2.64 -6.08
C TYR B 85 -2.42 -1.62 -5.18
N THR B 86 -2.18 -1.75 -3.88
CA THR B 86 -2.97 -1.04 -2.88
C THR B 86 -2.04 -0.22 -2.01
N ILE B 87 -2.49 0.98 -1.69
CA ILE B 87 -1.65 1.97 -1.02
C ILE B 87 -2.19 2.37 0.35
N GLN B 88 -1.31 2.47 1.33
CA GLN B 88 -1.65 2.96 2.66
C GLN B 88 -0.80 4.19 2.92
N ARG B 89 -1.42 5.37 2.84
CA ARG B 89 -0.82 6.58 3.37
C ARG B 89 -1.88 7.25 4.23
N GLN B 90 -2.50 6.44 5.09
CA GLN B 90 -3.53 6.88 6.01
C GLN B 90 -4.64 7.69 5.31
N SER B 92 -4.77 10.07 3.40
CA SER B 92 -4.47 10.55 2.05
C SER B 92 -4.31 9.39 1.07
N SER B 93 -4.58 8.18 1.53
CA SER B 93 -4.38 6.99 0.69
C SER B 93 -5.02 7.11 -0.70
N GLY B 94 -6.26 7.54 -0.75
CA GLY B 94 -6.97 7.66 -2.02
C GLY B 94 -6.38 8.73 -2.93
N MET B 95 -5.81 9.78 -2.34
CA MET B 95 -5.14 10.80 -3.13
C MET B 95 -3.77 10.29 -3.60
N GLN B 96 -3.05 9.59 -2.72
CA GLN B 96 -1.78 9.00 -3.14
C GLN B 96 -1.97 8.02 -4.30
N ALA B 97 -3.07 7.28 -4.30
CA ALA B 97 -3.32 6.37 -5.42
C ALA B 97 -3.40 7.14 -6.73
N ILE B 98 -4.05 8.30 -6.71
CA ILE B 98 -4.14 9.13 -7.90
C ILE B 98 -2.74 9.64 -8.32
N MET B 99 -1.95 10.05 -7.34
CA MET B 99 -0.59 10.52 -7.62
C MET B 99 0.28 9.40 -8.18
N SER B 100 0.17 8.21 -7.62
CA SER B 100 0.96 7.09 -8.10
C SER B 100 0.56 6.73 -9.53
N ALA B 101 -0.73 6.78 -9.81
CA ALA B 101 -1.21 6.61 -11.18
C ALA B 101 -0.59 7.65 -12.10
N ALA B 102 -0.61 8.91 -11.67
CA ALA B 102 0.00 9.96 -12.47
C ALA B 102 1.48 9.68 -12.75
N MET B 103 2.21 9.22 -11.73
CA MET B 103 3.63 8.93 -11.92
C MET B 103 3.84 7.87 -12.99
N GLN B 104 3.05 6.79 -12.94
CA GLN B 104 3.15 5.74 -13.95
C GLN B 104 2.89 6.28 -15.35
N ILE B 105 1.87 7.13 -15.47
CA ILE B 105 1.52 7.69 -16.77
C ILE B 105 2.57 8.68 -17.27
N GLN B 106 3.06 9.54 -16.38
CA GLN B 106 4.12 10.47 -16.77
C GLN B 106 5.37 9.76 -17.30
N LEU B 107 5.71 8.62 -16.71
CA LEU B 107 6.91 7.88 -17.11
C LEU B 107 6.67 6.93 -18.28
N GLY B 108 5.42 6.76 -18.69
CA GLY B 108 5.09 5.81 -19.74
C GLY B 108 5.10 4.38 -19.26
N VAL B 109 5.09 4.19 -17.94
CA VAL B 109 4.95 2.85 -17.36
C VAL B 109 3.57 2.30 -17.69
N SER B 110 2.56 3.18 -17.63
CA SER B 110 1.18 2.84 -17.97
C SER B 110 0.61 3.90 -18.90
N GLU B 111 -0.34 3.52 -19.75
CA GLU B 111 -1.04 4.49 -20.58
C GLU B 111 -2.38 4.86 -19.94
N VAL B 112 -3.02 3.88 -19.31
CA VAL B 112 -4.33 4.07 -18.69
C VAL B 112 -4.29 3.44 -17.30
N VAL B 113 -4.66 4.25 -16.30
CA VAL B 113 -4.71 3.76 -14.92
C VAL B 113 -6.04 4.14 -14.29
N VAL B 114 -6.65 3.19 -13.59
CA VAL B 114 -7.85 3.48 -12.82
C VAL B 114 -7.39 3.59 -11.38
N ALA B 115 -7.68 4.73 -10.74
CA ALA B 115 -7.12 4.97 -9.41
C ALA B 115 -8.12 5.64 -8.51
N GLY B 116 -8.05 5.31 -7.22
CA GLY B 116 -8.96 5.91 -6.28
C GLY B 116 -8.76 5.33 -4.90
N GLY B 117 -9.84 5.22 -4.15
CA GLY B 117 -9.74 4.71 -2.79
C GLY B 117 -11.04 4.12 -2.31
N VAL B 118 -10.97 3.35 -1.24
CA VAL B 118 -12.17 2.73 -0.69
C VAL B 118 -11.98 2.59 0.81
N GLU B 119 -13.07 2.68 1.55
CA GLU B 119 -13.05 2.24 2.94
C GLU B 119 -14.43 1.70 3.28
N ALA B 120 -14.45 0.50 3.85
CA ALA B 120 -15.67 -0.06 4.40
C ALA B 120 -15.45 -0.17 5.90
N MET B 121 -15.71 0.92 6.62
CA MET B 121 -15.43 0.93 8.06
C MET B 121 -16.42 0.05 8.82
N SER B 122 -17.70 0.08 8.41
CA SER B 122 -18.75 -0.68 9.09
C SER B 122 -18.49 -2.19 9.15
N SER B 123 -17.83 -2.71 8.12
CA SER B 123 -17.60 -4.17 8.06
C SER B 123 -16.19 -4.58 8.49
N SER B 124 -15.40 -3.62 8.97
CA SER B 124 -14.04 -3.92 9.40
C SER B 124 -14.05 -4.85 10.61
N PRO B 125 -13.05 -5.73 10.68
CA PRO B 125 -13.03 -6.78 11.72
C PRO B 125 -12.50 -6.31 13.07
N TYR B 126 -12.57 -7.23 14.03
CA TYR B 126 -11.86 -7.11 15.30
C TYR B 126 -10.63 -8.03 15.28
N ALA B 127 -9.61 -7.66 16.04
CA ALA B 127 -8.35 -8.42 16.04
C ALA B 127 -8.00 -8.90 17.44
N LEU B 128 -7.34 -10.06 17.52
CA LEU B 128 -6.77 -10.54 18.78
C LEU B 128 -5.27 -10.69 18.59
N LYS B 129 -4.49 -9.98 19.40
CA LYS B 129 -3.05 -9.96 19.25
C LYS B 129 -2.32 -11.06 20.02
N GLN B 130 -2.99 -11.67 21.00
CA GLN B 130 -2.34 -12.70 21.83
C GLN B 130 -2.90 -14.08 21.57
N HIS B 131 -3.75 -14.20 20.56
CA HIS B 131 -4.39 -15.49 20.30
C HIS B 131 -3.40 -16.53 19.76
N ARG B 132 -2.42 -16.08 18.98
CA ARG B 132 -1.50 -17.02 18.34
C ARG B 132 -0.61 -17.76 19.35
N TRP B 133 0.01 -17.01 20.26
CA TRP B 133 0.95 -17.60 21.20
C TRP B 133 0.40 -17.70 22.63
N GLY B 134 -0.77 -17.11 22.85
CA GLY B 134 -1.47 -17.28 24.11
C GLY B 134 -1.46 -16.08 25.04
N GLN B 135 -2.61 -15.83 25.68
CA GLN B 135 -2.72 -14.79 26.69
CA GLN B 135 -2.76 -14.80 26.69
C GLN B 135 -2.21 -15.25 28.06
N ARG B 136 -2.23 -16.56 28.30
CA ARG B 136 -1.76 -17.19 29.55
CA ARG B 136 -1.77 -17.20 29.54
C ARG B 136 -2.65 -16.95 30.78
N LEU B 137 -2.82 -15.68 31.16
CA LEU B 137 -3.56 -15.37 32.38
C LEU B 137 -4.01 -13.92 32.36
N GLN B 138 -5.15 -13.65 33.01
CA GLN B 138 -5.79 -12.34 33.08
C GLN B 138 -6.51 -11.97 31.78
N HIS B 139 -7.29 -10.91 31.84
CA HIS B 139 -8.13 -10.52 30.73
C HIS B 139 -7.31 -9.91 29.61
N GLY B 140 -7.78 -10.09 28.38
CA GLY B 140 -7.12 -9.49 27.23
C GLY B 140 -8.01 -8.47 26.54
N GLU B 141 -7.51 -7.89 25.45
CA GLU B 141 -8.30 -6.92 24.69
C GLU B 141 -8.65 -7.50 23.34
N ILE B 142 -9.91 -7.35 22.93
CA ILE B 142 -10.25 -7.64 21.55
C ILE B 142 -10.34 -6.29 20.87
N ARG B 143 -9.50 -6.09 19.85
CA ARG B 143 -9.24 -4.74 19.36
C ARG B 143 -10.08 -4.41 18.14
N ASP B 144 -10.72 -3.25 18.19
CA ASP B 144 -11.48 -2.74 17.05
C ASP B 144 -10.52 -2.14 16.05
N THR B 145 -10.43 -2.71 14.84
CA THR B 145 -9.49 -2.20 13.84
C THR B 145 -9.77 -0.74 13.46
N VAL B 146 -11.04 -0.34 13.53
CA VAL B 146 -11.41 1.05 13.24
C VAL B 146 -10.86 1.97 14.34
N TRP B 147 -11.08 1.59 15.59
CA TRP B 147 -10.57 2.39 16.70
C TRP B 147 -9.03 2.40 16.71
N GLU B 148 -8.40 1.31 16.26
CA GLU B 148 -6.93 1.28 16.20
C GLU B 148 -6.41 2.28 15.18
N VAL B 149 -7.03 2.31 14.01
CA VAL B 149 -6.51 3.10 12.91
C VAL B 149 -6.67 4.59 13.21
N LEU B 150 -7.54 4.92 14.16
CA LEU B 150 -7.76 6.31 14.57
C LEU B 150 -6.81 6.75 15.71
N GLU B 151 -5.95 5.85 16.13
CA GLU B 151 -5.04 6.11 17.25
C GLU B 151 -3.64 6.24 16.71
N ASP B 152 -2.93 7.31 17.06
CA ASP B 152 -1.56 7.45 16.56
C ASP B 152 -0.69 6.30 17.06
N PRO B 153 0.06 5.64 16.16
CA PRO B 153 0.78 4.42 16.57
C PRO B 153 2.07 4.67 17.34
N ILE B 154 2.55 5.90 17.38
CA ILE B 154 3.76 6.24 18.14
C ILE B 154 3.38 6.80 19.50
N HIS B 155 2.49 7.79 19.50
CA HIS B 155 2.07 8.46 20.72
C HIS B 155 0.83 7.91 21.44
N HIS B 156 0.09 7.07 20.75
CA HIS B 156 -1.08 6.42 21.33
C HIS B 156 -2.11 7.42 21.84
N ILE B 157 -2.42 8.41 21.01
CA ILE B 157 -3.50 9.35 21.27
C ILE B 157 -4.43 9.31 20.07
N MET B 158 -5.72 9.55 20.28
CA MET B 158 -6.66 9.50 19.17
C MET B 158 -6.49 10.72 18.26
N MET B 159 -6.90 10.59 17.00
CA MET B 159 -6.84 11.73 16.09
C MET B 159 -7.55 12.94 16.68
N GLY B 160 -8.65 12.70 17.39
CA GLY B 160 -9.40 13.77 18.01
C GLY B 160 -8.62 14.56 19.03
N GLU B 161 -7.71 13.88 19.74
CA GLU B 161 -6.80 14.56 20.65
C GLU B 161 -5.78 15.42 19.88
N THR B 162 -5.31 14.96 18.72
CA THR B 162 -4.40 15.80 17.93
C THR B 162 -5.12 17.06 17.46
N ALA B 163 -6.44 16.95 17.28
CA ALA B 163 -7.22 18.13 16.94
C ALA B 163 -7.26 19.12 18.12
N GLU B 164 -7.42 18.60 19.34
CA GLU B 164 -7.41 19.46 20.52
C GLU B 164 -6.07 20.15 20.69
N ASN B 165 -5.00 19.52 20.21
CA ASN B 165 -3.69 20.16 20.23
C ASN B 165 -3.66 21.38 19.31
N LEU B 166 -4.28 21.25 18.15
CA LEU B 166 -4.41 22.40 17.24
C LEU B 166 -5.32 23.47 17.83
N VAL B 167 -6.36 23.05 18.53
CA VAL B 167 -7.26 24.00 19.18
C VAL B 167 -6.46 24.91 20.10
N GLU B 168 -5.62 24.29 20.93
CA GLU B 168 -4.81 25.05 21.88
C GLU B 168 -3.77 25.90 21.16
N GLN B 169 -3.16 25.34 20.12
CA GLN B 169 -2.11 26.06 19.39
C GLN B 169 -2.64 27.28 18.64
N TYR B 170 -3.78 27.13 17.97
CA TYR B 170 -4.33 28.20 17.15
C TYR B 170 -5.45 28.98 17.87
N GLU B 171 -5.66 28.66 19.14
CA GLU B 171 -6.67 29.35 19.95
C GLU B 171 -8.04 29.35 19.28
N ILE B 172 -8.45 28.16 18.86
CA ILE B 172 -9.70 27.98 18.13
C ILE B 172 -10.86 27.76 19.09
N THR B 173 -11.93 28.53 18.95
CA THR B 173 -13.06 28.42 19.85
C THR B 173 -13.96 27.22 19.54
N ARG B 174 -14.64 26.72 20.57
CA ARG B 174 -15.66 25.69 20.39
C ARG B 174 -16.70 26.22 19.42
N GLU B 175 -17.02 27.49 19.57
CA GLU B 175 -18.06 28.11 18.77
C GLU B 175 -17.72 28.19 17.28
N GLU B 176 -16.46 28.47 16.95
CA GLU B 176 -16.09 28.50 15.53
C GLU B 176 -16.07 27.11 14.94
N GLN B 177 -15.69 26.13 15.75
CA GLN B 177 -15.74 24.73 15.32
C GLN B 177 -17.17 24.35 14.95
N ASP B 178 -18.12 24.72 15.82
CA ASP B 178 -19.52 24.37 15.58
C ASP B 178 -20.11 25.15 14.41
N GLU B 179 -19.58 26.34 14.16
CA GLU B 179 -19.98 27.16 13.02
CA GLU B 179 -20.01 27.14 13.02
C GLU B 179 -19.59 26.44 11.73
N VAL B 180 -18.37 25.92 11.70
CA VAL B 180 -17.88 25.19 10.55
C VAL B 180 -18.65 23.88 10.37
N ALA B 181 -18.94 23.20 11.47
CA ALA B 181 -19.71 21.97 11.41
C ALA B 181 -21.10 22.21 10.83
N LEU B 182 -21.75 23.29 11.28
CA LEU B 182 -23.09 23.61 10.79
C LEU B 182 -23.04 23.90 9.30
N ARG B 183 -22.02 24.65 8.89
CA ARG B 183 -21.83 24.99 7.48
C ARG B 183 -21.67 23.72 6.64
N SER B 184 -20.89 22.76 7.16
CA SER B 184 -20.60 21.55 6.43
C SER B 184 -21.90 20.79 6.11
N HIS B 185 -22.75 20.60 7.12
CA HIS B 185 -24.06 19.98 6.87
C HIS B 185 -24.94 20.82 5.96
N THR B 186 -25.00 22.12 6.23
CA THR B 186 -25.89 23.01 5.50
C THR B 186 -25.56 23.03 4.01
N LEU B 187 -24.28 23.18 3.68
CA LEU B 187 -23.89 23.25 2.28
C LEU B 187 -24.06 21.89 1.58
N ALA B 188 -23.78 20.81 2.31
CA ALA B 188 -23.99 19.48 1.77
C ALA B 188 -25.46 19.26 1.43
N LEU B 189 -26.33 19.63 2.36
CA LEU B 189 -27.75 19.43 2.14
C LEU B 189 -28.23 20.24 0.94
N LYS B 190 -27.74 21.46 0.81
CA LYS B 190 -28.13 22.30 -0.32
C LYS B 190 -27.66 21.67 -1.63
N ALA B 191 -26.43 21.16 -1.63
CA ALA B 191 -25.88 20.54 -2.84
C ALA B 191 -26.67 19.31 -3.23
N ILE B 192 -27.05 18.52 -2.23
CA ILE B 192 -27.84 17.33 -2.48
C ILE B 192 -29.18 17.71 -3.08
N GLU B 193 -29.84 18.68 -2.45
CA GLU B 193 -31.16 19.14 -2.92
C GLU B 193 -31.11 19.69 -4.35
N SER B 194 -30.01 20.37 -4.68
CA SER B 194 -29.89 21.01 -5.99
C SER B 194 -29.47 20.03 -7.09
N GLY B 195 -29.14 18.80 -6.72
CA GLY B 195 -28.72 17.78 -7.67
C GLY B 195 -27.27 17.85 -8.12
N TYR B 196 -26.45 18.63 -7.41
CA TYR B 196 -25.05 18.81 -7.80
C TYR B 196 -24.29 17.49 -7.90
N PHE B 197 -24.67 16.51 -7.08
CA PHE B 197 -23.93 15.25 -6.99
C PHE B 197 -24.51 14.16 -7.90
N ASP B 198 -25.60 14.46 -8.60
CA ASP B 198 -26.29 13.43 -9.36
C ASP B 198 -25.38 12.71 -10.33
N ASP B 199 -24.59 13.46 -11.09
CA ASP B 199 -23.77 12.86 -12.13
C ASP B 199 -22.61 12.03 -11.58
N GLN B 200 -22.03 12.45 -10.47
CA GLN B 200 -20.81 11.80 -9.96
C GLN B 200 -21.10 10.54 -9.14
N ILE B 201 -22.32 10.42 -8.62
CA ILE B 201 -22.66 9.29 -7.75
C ILE B 201 -23.06 8.04 -8.52
N VAL B 202 -22.47 6.93 -8.12
CA VAL B 202 -22.79 5.60 -8.64
C VAL B 202 -23.60 4.84 -7.60
N PRO B 203 -24.85 4.49 -7.93
CA PRO B 203 -25.68 3.79 -6.93
C PRO B 203 -25.15 2.40 -6.65
N ILE B 204 -25.32 1.95 -5.41
CA ILE B 204 -24.84 0.65 -4.99
C ILE B 204 -26.02 -0.24 -4.64
N THR B 205 -26.03 -1.45 -5.17
CA THR B 205 -27.10 -2.38 -4.85
C THR B 205 -26.60 -3.33 -3.77
N ILE B 206 -27.33 -3.38 -2.66
CA ILE B 206 -26.99 -4.29 -1.58
C ILE B 206 -28.05 -5.38 -1.49
N LYS B 207 -27.60 -6.63 -1.66
CA LYS B 207 -28.48 -7.79 -1.56
C LYS B 207 -28.57 -8.23 -0.11
N GLU B 208 -29.71 -7.91 0.48
CA GLU B 208 -30.04 -8.21 1.84
C GLU B 208 -30.76 -9.56 1.92
N ARG B 209 -31.20 -9.94 3.11
CA ARG B 209 -31.77 -11.26 3.25
C ARG B 209 -32.99 -11.53 2.38
N ARG B 210 -33.92 -10.61 2.38
CA ARG B 210 -35.14 -10.83 1.64
C ARG B 210 -35.36 -9.82 0.54
N LYS B 211 -34.38 -8.97 0.30
CA LYS B 211 -34.60 -7.93 -0.66
C LYS B 211 -33.30 -7.36 -1.20
N GLU B 212 -33.41 -6.58 -2.25
CA GLU B 212 -32.29 -5.76 -2.67
CA GLU B 212 -32.29 -5.76 -2.70
C GLU B 212 -32.56 -4.30 -2.37
N VAL B 213 -31.52 -3.60 -1.92
CA VAL B 213 -31.63 -2.19 -1.62
C VAL B 213 -30.75 -1.44 -2.60
N VAL B 214 -31.25 -0.32 -3.11
CA VAL B 214 -30.42 0.55 -3.94
C VAL B 214 -30.06 1.82 -3.16
N PHE B 215 -28.77 1.96 -2.87
CA PHE B 215 -28.25 3.07 -2.10
C PHE B 215 -27.71 4.11 -3.07
N SER B 216 -28.32 5.29 -3.10
CA SER B 216 -28.03 6.28 -4.14
C SER B 216 -27.74 7.69 -3.60
N LYS B 217 -27.93 7.90 -2.31
CA LYS B 217 -27.77 9.23 -1.73
C LYS B 217 -26.93 9.20 -0.47
N ASP B 218 -26.05 10.19 -0.33
CA ASP B 218 -25.23 10.33 0.87
C ASP B 218 -26.11 10.39 2.11
N GLU B 219 -25.76 9.62 3.14
CA GLU B 219 -26.67 9.57 4.30
C GLU B 219 -26.16 10.24 5.57
N HIS B 220 -24.96 10.82 5.53
CA HIS B 220 -24.42 11.48 6.71
C HIS B 220 -25.02 12.87 6.99
N PRO B 221 -25.27 13.68 5.96
CA PRO B 221 -25.81 15.01 6.30
C PRO B 221 -27.12 14.96 7.09
N ARG B 222 -27.23 15.84 8.08
CA ARG B 222 -28.37 15.86 8.98
CA ARG B 222 -28.41 15.83 8.95
C ARG B 222 -29.28 17.06 8.72
N ALA B 223 -30.46 16.83 8.14
CA ALA B 223 -31.34 17.89 7.73
C ALA B 223 -31.74 18.79 8.87
N ASP B 224 -31.73 18.25 10.09
CA ASP B 224 -32.26 19.03 11.20
C ASP B 224 -31.19 19.45 12.20
N ILE B 225 -29.93 19.40 11.77
CA ILE B 225 -28.83 19.85 12.62
C ILE B 225 -28.94 21.36 12.83
N THR B 226 -28.55 21.84 14.01
CA THR B 226 -28.66 23.26 14.34
C THR B 226 -27.51 23.72 15.23
N ALA B 227 -27.33 25.04 15.30
CA ALA B 227 -26.36 25.64 16.21
C ALA B 227 -26.62 25.22 17.65
N GLU B 228 -27.89 25.24 18.07
CA GLU B 228 -28.25 24.86 19.42
C GLU B 228 -27.86 23.42 19.72
N LYS B 229 -28.15 22.51 18.78
CA LYS B 229 -27.81 21.10 19.00
C LYS B 229 -26.31 20.91 19.13
N LEU B 230 -25.55 21.54 18.24
CA LEU B 230 -24.11 21.39 18.26
C LEU B 230 -23.51 21.95 19.56
N ALA B 231 -24.04 23.08 20.01
CA ALA B 231 -23.52 23.73 21.21
C ALA B 231 -23.78 22.91 22.48
N GLY B 232 -24.78 22.04 22.44
CA GLY B 232 -25.12 21.24 23.60
C GLY B 232 -24.29 19.98 23.79
N LEU B 233 -23.53 19.60 22.79
CA LEU B 233 -22.81 18.32 22.84
C LEU B 233 -21.63 18.34 23.81
N LYS B 234 -21.30 17.18 24.35
CA LYS B 234 -20.15 17.03 25.25
C LYS B 234 -18.85 16.86 24.46
N PRO B 235 -17.74 17.35 25.03
CA PRO B 235 -16.44 17.13 24.39
C PRO B 235 -16.16 15.64 24.32
N ALA B 236 -15.56 15.18 23.21
CA ALA B 236 -15.39 13.76 22.98
C ALA B 236 -13.97 13.23 23.30
N PHE B 237 -12.99 14.13 23.43
CA PHE B 237 -11.60 13.69 23.47
C PHE B 237 -10.78 14.22 24.64
N ARG B 238 -11.28 15.28 25.26
CA ARG B 238 -10.63 15.92 26.40
C ARG B 238 -11.72 16.39 27.37
N LYS B 239 -11.44 16.41 28.66
CA LYS B 239 -12.47 16.77 29.65
C LYS B 239 -13.04 18.18 29.56
N ASP B 240 -12.19 19.16 29.31
CA ASP B 240 -12.61 20.56 29.19
C ASP B 240 -12.50 20.98 27.73
N GLY B 241 -12.49 19.98 26.85
CA GLY B 241 -12.30 20.14 25.43
C GLY B 241 -13.43 20.72 24.61
N SER B 242 -13.12 21.03 23.35
CA SER B 242 -14.10 21.57 22.41
C SER B 242 -14.44 20.67 21.21
N VAL B 243 -13.61 19.67 20.92
CA VAL B 243 -13.90 18.75 19.83
C VAL B 243 -15.00 17.77 20.27
N THR B 244 -16.07 17.66 19.48
CA THR B 244 -17.23 16.82 19.83
C THR B 244 -17.53 15.87 18.68
N ALA B 245 -18.49 14.97 18.89
CA ALA B 245 -18.94 14.11 17.80
C ALA B 245 -19.58 14.93 16.69
N GLY B 246 -20.17 16.06 17.06
CA GLY B 246 -20.86 16.92 16.11
C GLY B 246 -19.94 17.76 15.25
N ASN B 247 -18.77 18.12 15.75
CA ASN B 247 -17.84 18.92 14.94
C ASN B 247 -16.63 18.11 14.45
N ALA B 248 -16.75 16.79 14.57
CA ALA B 248 -15.75 15.87 14.02
C ALA B 248 -16.34 15.17 12.81
N SER B 249 -15.48 14.70 11.90
CA SER B 249 -15.99 13.91 10.79
C SER B 249 -16.54 12.61 11.36
N GLY B 250 -17.38 11.93 10.60
CA GLY B 250 -17.92 10.66 11.04
C GLY B 250 -17.03 9.49 10.64
N LEU B 251 -17.45 8.30 11.06
CA LEU B 251 -16.95 7.03 10.55
C LEU B 251 -17.90 6.65 9.43
N ASN B 252 -17.34 6.30 8.27
CA ASN B 252 -18.17 6.17 7.07
C ASN B 252 -17.63 5.15 6.09
N ASP B 253 -18.49 4.82 5.11
CA ASP B 253 -18.17 3.82 4.10
C ASP B 253 -18.30 4.48 2.74
N GLY B 254 -17.35 4.21 1.84
CA GLY B 254 -17.47 4.74 0.49
C GLY B 254 -16.31 4.38 -0.40
N SER B 255 -16.52 4.50 -1.71
CA SER B 255 -15.45 4.33 -2.68
C SER B 255 -15.49 5.46 -3.70
N ALA B 256 -14.35 5.73 -4.33
CA ALA B 256 -14.28 6.78 -5.34
C ALA B 256 -13.15 6.43 -6.29
N VAL B 257 -13.37 6.65 -7.58
CA VAL B 257 -12.49 6.14 -8.64
C VAL B 257 -12.39 7.16 -9.78
N LEU B 258 -11.16 7.35 -10.27
CA LEU B 258 -10.91 8.16 -11.46
C LEU B 258 -10.30 7.29 -12.54
N VAL B 259 -10.56 7.64 -13.80
CA VAL B 259 -9.79 7.08 -14.91
C VAL B 259 -8.79 8.13 -15.36
N LEU B 260 -7.52 7.76 -15.34
CA LEU B 260 -6.45 8.64 -15.80
C LEU B 260 -5.73 8.04 -17.01
N MET B 261 -5.21 8.91 -17.87
CA MET B 261 -4.41 8.45 -18.99
C MET B 261 -3.52 9.58 -19.45
N SER B 262 -2.60 9.30 -20.37
CA SER B 262 -1.78 10.35 -20.93
C SER B 262 -2.64 11.23 -21.81
N GLU B 263 -2.27 12.50 -21.90
CA GLU B 263 -2.98 13.40 -22.79
C GLU B 263 -2.93 12.84 -24.21
N GLU B 264 -1.75 12.31 -24.56
CA GLU B 264 -1.56 11.64 -25.85
C GLU B 264 -2.59 10.53 -26.09
N LYS B 265 -2.84 9.71 -25.08
CA LYS B 265 -3.78 8.60 -25.18
C LYS B 265 -5.21 9.12 -25.34
N ALA B 266 -5.57 10.14 -24.56
CA ALA B 266 -6.87 10.79 -24.69
C ALA B 266 -7.08 11.33 -26.10
N LYS B 267 -6.06 11.98 -26.66
CA LYS B 267 -6.18 12.51 -28.01
C LYS B 267 -6.32 11.39 -29.04
N GLU B 268 -5.55 10.33 -28.84
CA GLU B 268 -5.59 9.17 -29.72
C GLU B 268 -6.98 8.49 -29.69
N LYS B 269 -7.66 8.59 -28.56
CA LYS B 269 -8.99 7.99 -28.39
C LYS B 269 -10.11 8.99 -28.65
N GLY B 270 -9.74 10.23 -28.95
CA GLY B 270 -10.72 11.25 -29.23
C GLY B 270 -11.57 11.62 -28.04
N LEU B 271 -11.01 11.48 -26.85
CA LEU B 271 -11.73 11.77 -25.62
C LEU B 271 -11.49 13.20 -25.14
N GLN B 272 -12.53 13.85 -24.64
CA GLN B 272 -12.41 15.16 -24.01
C GLN B 272 -12.35 15.01 -22.48
N PRO B 273 -11.15 15.16 -21.90
CA PRO B 273 -11.01 14.89 -20.45
C PRO B 273 -11.74 15.91 -19.61
N LEU B 274 -12.06 15.52 -18.37
CA LEU B 274 -12.68 16.42 -17.41
C LEU B 274 -11.67 17.42 -16.86
N ALA B 275 -10.42 16.96 -16.71
CA ALA B 275 -9.40 17.73 -16.01
C ALA B 275 -8.00 17.21 -16.32
N ARG B 276 -7.00 18.04 -16.02
CA ARG B 276 -5.60 17.60 -16.07
C ARG B 276 -4.96 17.76 -14.70
N ILE B 277 -3.97 16.94 -14.41
CA ILE B 277 -3.21 17.10 -13.19
C ILE B 277 -2.01 18.00 -13.46
N VAL B 278 -1.88 19.07 -12.68
CA VAL B 278 -0.79 20.02 -12.89
C VAL B 278 0.38 19.79 -11.92
N GLY B 279 0.09 19.24 -10.74
CA GLY B 279 1.14 18.93 -9.79
C GLY B 279 0.58 18.28 -8.53
N TYR B 280 1.49 17.88 -7.64
CA TYR B 280 1.11 17.26 -6.37
C TYR B 280 2.29 17.35 -5.41
N SER B 281 2.01 17.32 -4.11
CA SER B 281 3.07 17.53 -3.13
C SER B 281 2.73 16.83 -1.82
N VAL B 282 3.78 16.48 -1.07
CA VAL B 282 3.63 15.79 0.20
C VAL B 282 4.57 16.45 1.21
N ALA B 283 4.08 16.69 2.43
CA ALA B 283 4.88 17.32 3.46
C ALA B 283 4.69 16.63 4.80
N GLY B 284 5.79 16.44 5.53
CA GLY B 284 5.73 15.81 6.84
C GLY B 284 5.78 16.80 7.98
N VAL B 285 4.91 16.60 8.97
CA VAL B 285 4.82 17.46 10.14
C VAL B 285 4.79 16.64 11.44
N ASP B 286 4.76 17.31 12.59
CA ASP B 286 4.62 16.65 13.89
C ASP B 286 3.30 15.86 13.98
N PRO B 287 3.39 14.55 14.23
CA PRO B 287 2.15 13.74 14.28
C PRO B 287 1.16 14.26 15.32
N LYS B 288 1.68 14.91 16.36
CA LYS B 288 0.82 15.37 17.45
C LYS B 288 -0.08 16.51 17.00
N ILE B 289 0.25 17.12 15.88
CA ILE B 289 -0.62 18.11 15.26
C ILE B 289 -0.77 17.81 13.77
N MET B 290 -1.00 16.53 13.45
CA MET B 290 -1.10 16.05 12.09
C MET B 290 -2.08 16.85 11.22
N GLY B 291 -3.09 17.46 11.86
CA GLY B 291 -4.10 18.20 11.13
C GLY B 291 -3.60 19.37 10.30
N ILE B 292 -2.41 19.89 10.63
CA ILE B 292 -1.87 21.07 9.94
C ILE B 292 -1.18 20.71 8.63
N GLY B 293 -1.01 19.42 8.37
CA GLY B 293 -0.30 18.96 7.18
C GLY B 293 -0.56 19.72 5.88
N PRO B 294 -1.84 20.00 5.57
CA PRO B 294 -2.14 20.68 4.30
C PRO B 294 -1.43 22.02 4.13
N ALA B 295 -1.08 22.69 5.23
CA ALA B 295 -0.45 24.02 5.09
C ALA B 295 0.91 23.94 4.38
N PRO B 296 1.86 23.17 4.93
CA PRO B 296 3.13 23.07 4.20
C PRO B 296 2.99 22.34 2.85
N ALA B 297 2.07 21.39 2.75
CA ALA B 297 1.88 20.66 1.50
C ALA B 297 1.39 21.60 0.40
N ILE B 298 0.44 22.46 0.73
CA ILE B 298 -0.08 23.40 -0.26
C ILE B 298 0.98 24.43 -0.64
N ARG B 299 1.70 24.95 0.35
CA ARG B 299 2.74 25.94 0.06
C ARG B 299 3.81 25.33 -0.83
N LYS B 300 4.18 24.09 -0.54
CA LYS B 300 5.21 23.39 -1.29
C LYS B 300 4.77 23.18 -2.74
N GLY B 301 3.53 22.73 -2.91
CA GLY B 301 2.98 22.49 -4.23
C GLY B 301 2.79 23.75 -5.06
N LEU B 302 2.34 24.84 -4.43
CA LEU B 302 2.15 26.11 -5.14
C LEU B 302 3.46 26.57 -5.77
N GLU B 303 4.56 26.38 -5.05
CA GLU B 303 5.87 26.74 -5.58
C GLU B 303 6.19 25.94 -6.83
N LYS B 304 5.87 24.65 -6.78
CA LYS B 304 6.17 23.75 -7.89
C LYS B 304 5.35 24.06 -9.14
N VAL B 305 4.07 24.39 -8.96
CA VAL B 305 3.20 24.63 -10.10
C VAL B 305 3.17 26.11 -10.49
N ASP B 306 3.89 26.92 -9.72
CA ASP B 306 3.96 28.36 -9.95
C ASP B 306 2.57 29.00 -9.96
N TRP B 307 1.79 28.69 -8.93
CA TRP B 307 0.52 29.36 -8.70
C TRP B 307 0.65 30.19 -7.44
N SER B 308 -0.16 31.23 -7.33
CA SER B 308 -0.36 31.84 -6.03
C SER B 308 -1.60 31.15 -5.44
N LEU B 309 -1.71 31.22 -4.12
CA LEU B 309 -2.88 30.65 -3.47
C LEU B 309 -4.15 31.27 -4.04
N GLU B 310 -4.09 32.56 -4.35
CA GLU B 310 -5.24 33.29 -4.87
C GLU B 310 -5.67 32.85 -6.27
N ASP B 311 -4.75 32.26 -7.02
CA ASP B 311 -5.07 31.75 -8.36
C ASP B 311 -6.08 30.60 -8.31
N ALA B 312 -6.10 29.87 -7.20
CA ALA B 312 -7.04 28.75 -7.07
C ALA B 312 -8.48 29.24 -7.07
N ASP B 313 -9.31 28.63 -7.91
CA ASP B 313 -10.72 29.00 -8.00
C ASP B 313 -11.54 28.33 -6.90
N LEU B 314 -11.23 27.06 -6.63
CA LEU B 314 -11.86 26.30 -5.56
C LEU B 314 -10.84 25.41 -4.84
N LEU B 315 -11.07 25.18 -3.55
CA LEU B 315 -10.27 24.24 -2.78
C LEU B 315 -11.16 23.23 -2.07
N GLU B 316 -10.67 22.00 -1.99
CA GLU B 316 -11.25 21.00 -1.10
C GLU B 316 -10.18 20.69 -0.07
N ILE B 317 -10.47 21.00 1.20
CA ILE B 317 -9.57 20.68 2.29
C ILE B 317 -10.36 19.80 3.22
N ASN B 318 -10.05 18.51 3.28
CA ASN B 318 -10.94 17.63 4.04
C ASN B 318 -11.08 18.05 5.49
N GLU B 319 -12.32 18.13 5.97
CA GLU B 319 -12.58 18.36 7.39
C GLU B 319 -12.49 17.04 8.17
N ALA B 320 -11.29 16.67 8.61
CA ALA B 320 -11.19 15.54 9.54
C ALA B 320 -11.86 15.94 10.87
N PHE B 321 -11.60 17.17 11.28
CA PHE B 321 -12.28 17.78 12.41
C PHE B 321 -12.41 19.23 12.06
N ALA B 322 -13.51 19.85 12.47
CA ALA B 322 -13.67 21.27 12.22
C ALA B 322 -12.45 22.05 12.72
N ALA B 323 -11.94 21.66 13.90
CA ALA B 323 -10.79 22.35 14.48
C ALA B 323 -9.58 22.26 13.58
N GLN B 324 -9.40 21.10 12.96
CA GLN B 324 -8.23 20.84 12.12
C GLN B 324 -8.35 21.68 10.85
N TYR B 325 -9.55 21.73 10.30
CA TYR B 325 -9.77 22.56 9.12
C TYR B 325 -9.50 24.03 9.48
N LEU B 326 -9.98 24.45 10.64
CA LEU B 326 -9.80 25.83 11.05
C LEU B 326 -8.33 26.21 11.21
N ALA B 327 -7.52 25.29 11.70
CA ALA B 327 -6.07 25.55 11.82
C ALA B 327 -5.47 25.81 10.45
N VAL B 328 -5.88 25.02 9.47
CA VAL B 328 -5.38 25.19 8.11
C VAL B 328 -5.85 26.51 7.54
N GLU B 329 -7.14 26.80 7.70
CA GLU B 329 -7.69 28.05 7.20
C GLU B 329 -6.92 29.26 7.75
N LYS B 330 -6.65 29.23 9.06
CA LYS B 330 -5.96 30.33 9.71
C LYS B 330 -4.50 30.43 9.26
N GLU B 331 -3.82 29.29 9.22
CA GLU B 331 -2.40 29.24 8.85
C GLU B 331 -2.15 29.78 7.43
N LEU B 332 -3.02 29.38 6.49
CA LEU B 332 -2.89 29.79 5.09
C LEU B 332 -3.68 31.07 4.76
N ASP B 333 -4.50 31.52 5.70
CA ASP B 333 -5.36 32.69 5.50
C ASP B 333 -6.24 32.48 4.27
N LEU B 334 -6.95 31.36 4.26
CA LEU B 334 -7.81 31.00 3.14
C LEU B 334 -9.07 31.85 3.10
N ASP B 335 -9.64 31.97 1.91
CA ASP B 335 -10.93 32.60 1.71
C ASP B 335 -12.00 31.51 1.81
N ARG B 336 -12.68 31.43 2.95
CA ARG B 336 -13.62 30.35 3.22
C ARG B 336 -14.65 30.18 2.11
N GLU B 337 -15.00 31.26 1.43
CA GLU B 337 -16.02 31.19 0.39
C GLU B 337 -15.61 30.36 -0.82
N LYS B 338 -14.31 30.10 -0.97
CA LYS B 338 -13.81 29.24 -2.03
C LYS B 338 -13.49 27.81 -1.59
N VAL B 339 -13.73 27.51 -0.31
CA VAL B 339 -13.29 26.24 0.28
C VAL B 339 -14.47 25.36 0.73
N ASN B 340 -14.42 24.09 0.37
CA ASN B 340 -15.46 23.12 0.74
C ASN B 340 -16.87 23.66 0.49
N VAL B 341 -17.07 24.17 -0.72
CA VAL B 341 -18.26 24.93 -1.03
C VAL B 341 -19.56 24.11 -0.99
N ASN B 342 -19.45 22.78 -1.04
CA ASN B 342 -20.62 21.91 -0.92
C ASN B 342 -20.52 21.00 0.30
N GLY B 343 -19.81 21.46 1.33
CA GLY B 343 -19.62 20.67 2.52
C GLY B 343 -18.32 19.87 2.48
N SER B 344 -18.01 19.22 3.60
CA SER B 344 -16.83 18.37 3.67
C SER B 344 -17.04 17.25 4.68
N GLY B 345 -15.95 16.75 5.25
CA GLY B 345 -16.02 15.57 6.09
C GLY B 345 -17.02 15.58 7.24
N VAL B 346 -17.21 16.73 7.88
CA VAL B 346 -18.13 16.79 9.01
C VAL B 346 -19.56 16.51 8.54
N GLY B 347 -19.96 17.15 7.45
CA GLY B 347 -21.31 16.98 6.93
C GLY B 347 -21.48 15.72 6.08
N LEU B 348 -20.50 15.43 5.23
CA LEU B 348 -20.60 14.30 4.32
C LEU B 348 -20.04 12.95 4.78
N GLY B 349 -19.17 12.97 5.78
CA GLY B 349 -18.54 11.74 6.22
C GLY B 349 -17.10 11.62 5.75
N HIS B 350 -16.37 10.72 6.40
CA HIS B 350 -14.96 10.50 6.13
C HIS B 350 -14.56 9.02 6.04
N PRO B 351 -14.86 8.34 4.93
CA PRO B 351 -14.42 6.96 4.80
C PRO B 351 -12.97 7.12 4.39
N ILE B 352 -12.09 6.88 5.34
CA ILE B 352 -10.74 7.37 5.26
CA ILE B 352 -10.74 7.36 5.23
C ILE B 352 -9.90 7.00 4.03
N GLY B 353 -9.90 5.75 3.62
CA GLY B 353 -9.15 5.33 2.46
C GLY B 353 -9.62 5.99 1.18
N CYS B 354 -10.93 6.15 1.13
CA CYS B 354 -11.67 6.79 0.05
C CYS B 354 -11.54 8.30 -0.11
N THR B 355 -11.46 9.02 1.00
CA THR B 355 -11.62 10.48 0.99
C THR B 355 -10.67 11.27 0.10
N GLY B 356 -9.40 10.90 0.05
CA GLY B 356 -8.47 11.64 -0.80
C GLY B 356 -8.88 11.62 -2.27
N ALA B 357 -9.49 10.52 -2.69
CA ALA B 357 -10.04 10.44 -4.03
C ALA B 357 -11.43 11.09 -4.13
N ARG B 358 -12.24 10.90 -3.09
CA ARG B 358 -13.59 11.45 -3.06
C ARG B 358 -13.57 12.98 -3.23
N ILE B 359 -12.72 13.67 -2.46
CA ILE B 359 -12.72 15.13 -2.58
C ILE B 359 -12.22 15.57 -3.95
N THR B 360 -11.41 14.74 -4.59
CA THR B 360 -10.91 15.08 -5.93
C THR B 360 -12.05 14.95 -6.94
N VAL B 361 -12.79 13.85 -6.86
CA VAL B 361 -14.01 13.68 -7.66
C VAL B 361 -14.93 14.90 -7.51
N SER B 362 -15.21 15.27 -6.27
CA SER B 362 -16.13 16.37 -6.01
C SER B 362 -15.63 17.71 -6.58
N LEU B 363 -14.35 17.97 -6.39
CA LEU B 363 -13.73 19.19 -6.87
C LEU B 363 -13.83 19.29 -8.39
N ILE B 364 -13.51 18.19 -9.07
CA ILE B 364 -13.58 18.17 -10.53
C ILE B 364 -14.97 18.57 -11.02
N HIS B 365 -15.99 17.93 -10.47
CA HIS B 365 -17.35 18.22 -10.90
C HIS B 365 -17.84 19.62 -10.53
N GLU B 366 -17.41 20.15 -9.40
CA GLU B 366 -17.83 21.50 -9.00
C GLU B 366 -17.11 22.57 -9.81
N LEU B 367 -15.83 22.36 -10.11
CA LEU B 367 -15.14 23.29 -11.03
C LEU B 367 -15.91 23.38 -12.34
N LYS B 368 -16.26 22.22 -12.89
CA LYS B 368 -17.01 22.17 -14.15
C LYS B 368 -18.37 22.85 -14.04
N ARG B 369 -19.09 22.57 -12.95
CA ARG B 369 -20.40 23.16 -12.75
C ARG B 369 -20.31 24.69 -12.73
N ARG B 370 -19.29 25.21 -12.07
CA ARG B 370 -19.13 26.66 -11.98
C ARG B 370 -18.42 27.27 -13.19
N GLY B 371 -17.90 26.43 -14.07
CA GLY B 371 -17.14 26.91 -15.21
C GLY B 371 -15.82 27.53 -14.81
N LEU B 372 -15.19 26.97 -13.79
CA LEU B 372 -13.94 27.47 -13.24
C LEU B 372 -12.82 26.50 -13.57
N GLU B 373 -11.58 26.98 -13.50
CA GLU B 373 -10.44 26.18 -13.97
C GLU B 373 -9.61 25.53 -12.88
N LYS B 374 -9.06 26.35 -11.98
CA LYS B 374 -8.01 25.87 -11.08
C LYS B 374 -8.51 25.36 -9.74
N GLY B 375 -8.11 24.15 -9.38
CA GLY B 375 -8.51 23.56 -8.12
C GLY B 375 -7.35 23.00 -7.31
N ILE B 376 -7.49 23.05 -5.99
CA ILE B 376 -6.57 22.38 -5.11
C ILE B 376 -7.36 21.44 -4.20
N ALA B 377 -6.93 20.19 -4.11
CA ALA B 377 -7.49 19.26 -3.14
C ALA B 377 -6.39 18.87 -2.17
N SER B 378 -6.67 18.88 -0.87
CA SER B 378 -5.61 18.61 0.09
C SER B 378 -6.20 18.06 1.38
N LEU B 379 -5.43 17.22 2.07
CA LEU B 379 -5.91 16.70 3.33
C LEU B 379 -4.81 16.31 4.29
N CYS B 380 -5.15 16.31 5.58
CA CYS B 380 -4.22 15.91 6.62
C CYS B 380 -4.24 14.39 6.71
N VAL B 381 -3.24 13.85 7.39
CA VAL B 381 -3.03 12.41 7.41
C VAL B 381 -2.54 12.00 8.78
N GLY B 382 -3.22 11.06 9.41
CA GLY B 382 -2.76 10.55 10.68
C GLY B 382 -1.30 10.14 10.49
N GLY B 383 -0.47 10.40 11.48
CA GLY B 383 0.95 10.13 11.36
C GLY B 383 1.77 11.37 11.05
N GLY B 384 1.09 12.48 10.75
CA GLY B 384 1.74 13.76 10.48
C GLY B 384 2.13 14.02 9.03
N ILE B 385 1.17 13.86 8.11
CA ILE B 385 1.47 14.10 6.70
C ILE B 385 0.40 15.01 6.12
N GLY B 386 0.80 15.84 5.19
CA GLY B 386 -0.15 16.60 4.38
C GLY B 386 0.09 16.26 2.92
N VAL B 387 -0.99 16.15 2.16
CA VAL B 387 -0.85 15.89 0.73
C VAL B 387 -1.72 16.88 -0.03
N ALA B 388 -1.25 17.33 -1.18
CA ALA B 388 -2.02 18.27 -2.00
C ALA B 388 -1.93 17.92 -3.48
N LEU B 389 -3.04 18.09 -4.18
CA LEU B 389 -3.15 17.78 -5.60
C LEU B 389 -3.65 19.03 -6.31
N PHE B 390 -3.02 19.39 -7.42
CA PHE B 390 -3.36 20.61 -8.14
C PHE B 390 -3.90 20.23 -9.52
N ILE B 391 -5.11 20.70 -9.84
CA ILE B 391 -5.75 20.32 -11.08
C ILE B 391 -6.31 21.50 -11.86
N GLU B 392 -6.50 21.30 -13.16
CA GLU B 392 -7.14 22.31 -14.00
C GLU B 392 -8.28 21.63 -14.74
N ALA B 393 -9.49 22.14 -14.56
CA ALA B 393 -10.65 21.62 -15.26
C ALA B 393 -10.53 21.99 -16.73
N LEU B 394 -10.96 21.09 -17.61
CA LEU B 394 -10.82 21.31 -19.05
C LEU B 394 -12.17 21.62 -19.69
#